data_8RQ6
#
_entry.id   8RQ6
#
_entity_poly.entity_id   1
_entity_poly.type   'polypeptide(L)'
_entity_poly.pdbx_seq_one_letter_code
;SLSSSALIGLLVIAVAIATVIVISLVMLRKR
;
_entity_poly.pdbx_strand_id   A
#
# COMPACT_ATOMS: atom_id res chain seq x y z
N SER A 1 24.87 -10.60 8.56
CA SER A 1 24.81 -9.21 8.04
C SER A 1 23.40 -8.87 7.57
N LEU A 2 22.57 -8.39 8.49
CA LEU A 2 21.20 -8.02 8.18
C LEU A 2 20.44 -9.19 7.56
N SER A 3 19.97 -10.10 8.42
CA SER A 3 19.23 -11.27 7.96
C SER A 3 18.12 -11.64 8.93
N SER A 4 17.10 -10.79 9.01
CA SER A 4 15.97 -11.02 9.91
C SER A 4 14.67 -11.15 9.12
N SER A 5 14.01 -12.30 9.26
CA SER A 5 12.76 -12.55 8.56
C SER A 5 11.69 -11.52 8.95
N ALA A 6 11.90 -10.87 10.09
CA ALA A 6 10.96 -9.85 10.58
C ALA A 6 10.75 -8.74 9.55
N LEU A 7 11.63 -8.67 8.56
CA LEU A 7 11.54 -7.65 7.52
C LEU A 7 10.17 -7.67 6.84
N ILE A 8 9.47 -8.79 6.96
CA ILE A 8 8.15 -8.94 6.35
C ILE A 8 7.16 -7.93 6.94
N GLY A 9 7.31 -7.63 8.22
CA GLY A 9 6.42 -6.69 8.89
C GLY A 9 6.69 -5.26 8.46
N LEU A 10 7.89 -4.99 7.97
CA LEU A 10 8.25 -3.65 7.54
C LEU A 10 7.82 -3.41 6.09
N LEU A 11 7.87 -4.46 5.28
CA LEU A 11 7.49 -4.36 3.87
C LEU A 11 6.00 -4.14 3.71
N VAL A 12 5.21 -4.88 4.48
CA VAL A 12 3.74 -4.77 4.41
C VAL A 12 3.29 -3.34 4.63
N ILE A 13 4.05 -2.57 5.40
CA ILE A 13 3.72 -1.18 5.68
C ILE A 13 3.95 -0.31 4.46
N ALA A 14 5.07 -0.53 3.77
CA ALA A 14 5.41 0.24 2.58
C ALA A 14 4.27 0.25 1.58
N VAL A 15 3.76 -0.93 1.25
CA VAL A 15 2.66 -1.07 0.31
C VAL A 15 1.35 -0.59 0.92
N ALA A 16 1.25 -0.69 2.25
CA ALA A 16 0.05 -0.26 2.95
C ALA A 16 -0.17 1.24 2.78
N ILE A 17 0.91 1.96 2.54
CA ILE A 17 0.84 3.41 2.34
C ILE A 17 0.53 3.74 0.89
N ALA A 18 0.98 2.88 -0.02
CA ALA A 18 0.75 3.09 -1.45
C ALA A 18 -0.75 3.19 -1.77
N THR A 19 -1.52 2.26 -1.20
CA THR A 19 -2.96 2.25 -1.43
C THR A 19 -3.62 3.51 -0.91
N VAL A 20 -2.94 4.18 0.03
CA VAL A 20 -3.45 5.42 0.59
C VAL A 20 -3.30 6.59 -0.37
N ILE A 21 -2.33 6.48 -1.28
CA ILE A 21 -2.08 7.52 -2.26
C ILE A 21 -3.27 7.69 -3.19
N VAL A 22 -3.72 6.58 -3.77
CA VAL A 22 -4.87 6.60 -4.68
C VAL A 22 -6.10 7.16 -3.98
N ILE A 23 -6.17 6.95 -2.67
CA ILE A 23 -7.30 7.43 -1.88
C ILE A 23 -7.09 8.88 -1.43
N SER A 24 -5.83 9.31 -1.42
CA SER A 24 -5.49 10.67 -1.01
C SER A 24 -6.28 11.70 -1.80
N LEU A 25 -6.47 11.45 -3.09
CA LEU A 25 -7.21 12.37 -3.94
C LEU A 25 -8.69 12.39 -3.55
N VAL A 26 -9.23 11.23 -3.20
CA VAL A 26 -10.62 11.12 -2.79
C VAL A 26 -10.88 12.00 -1.56
N MET A 27 -9.82 12.26 -0.81
CA MET A 27 -9.92 13.09 0.38
C MET A 27 -10.16 14.55 0.01
N LEU A 28 -9.51 15.00 -1.06
CA LEU A 28 -9.65 16.37 -1.53
C LEU A 28 -11.09 16.65 -1.97
N ARG A 29 -11.82 15.59 -2.32
CA ARG A 29 -13.20 15.72 -2.76
C ARG A 29 -14.13 15.86 -1.56
N LYS A 30 -13.72 15.30 -0.43
CA LYS A 30 -14.52 15.36 0.79
C LYS A 30 -13.92 16.34 1.78
N ARG A 31 -12.99 17.16 1.30
CA ARG A 31 -12.34 18.15 2.16
C ARG A 31 -13.05 19.50 2.06
N SER A 1 10.25 -23.59 5.38
CA SER A 1 10.03 -22.25 4.80
C SER A 1 9.17 -22.33 3.54
N LEU A 2 8.07 -21.58 3.55
CA LEU A 2 7.15 -21.56 2.41
C LEU A 2 7.59 -20.55 1.36
N SER A 3 8.62 -20.91 0.60
CA SER A 3 9.16 -20.03 -0.44
C SER A 3 9.70 -18.74 0.15
N SER A 4 8.80 -17.79 0.41
CA SER A 4 9.18 -16.49 0.97
C SER A 4 8.02 -15.88 1.73
N SER A 5 7.66 -16.48 2.87
CA SER A 5 6.56 -15.99 3.68
C SER A 5 7.00 -14.80 4.53
N ALA A 6 8.30 -14.69 4.77
CA ALA A 6 8.85 -13.60 5.56
C ALA A 6 8.69 -12.27 4.84
N LEU A 7 8.48 -12.33 3.54
CA LEU A 7 8.31 -11.13 2.72
C LEU A 7 6.86 -10.66 2.73
N ILE A 8 5.95 -11.56 3.10
CA ILE A 8 4.52 -11.24 3.15
C ILE A 8 4.24 -10.13 4.16
N GLY A 9 4.98 -10.15 5.26
CA GLY A 9 4.79 -9.14 6.30
C GLY A 9 5.18 -7.75 5.82
N LEU A 10 6.29 -7.66 5.11
CA LEU A 10 6.78 -6.39 4.59
C LEU A 10 6.05 -5.99 3.31
N LEU A 11 5.39 -6.96 2.70
CA LEU A 11 4.66 -6.72 1.46
C LEU A 11 3.31 -6.06 1.74
N VAL A 12 2.58 -6.59 2.71
CA VAL A 12 1.28 -6.04 3.07
C VAL A 12 1.39 -4.58 3.50
N ILE A 13 2.56 -4.22 4.02
CA ILE A 13 2.81 -2.85 4.46
C ILE A 13 3.30 -1.99 3.30
N ALA A 14 4.08 -2.61 2.41
CA ALA A 14 4.62 -1.91 1.25
C ALA A 14 3.48 -1.37 0.38
N VAL A 15 2.43 -2.16 0.24
CA VAL A 15 1.28 -1.76 -0.56
C VAL A 15 0.31 -0.90 0.23
N ALA A 16 0.33 -1.07 1.55
CA ALA A 16 -0.56 -0.31 2.43
C ALA A 16 -0.23 1.18 2.35
N ILE A 17 1.03 1.48 2.04
CA ILE A 17 1.48 2.87 1.92
C ILE A 17 1.17 3.41 0.54
N ALA A 18 0.98 2.52 -0.42
CA ALA A 18 0.67 2.90 -1.79
C ALA A 18 -0.81 3.17 -1.98
N THR A 19 -1.64 2.37 -1.30
CA THR A 19 -3.08 2.52 -1.39
C THR A 19 -3.56 3.79 -0.71
N VAL A 20 -2.92 4.13 0.41
CA VAL A 20 -3.29 5.32 1.16
C VAL A 20 -3.12 6.58 0.31
N ILE A 21 -2.26 6.49 -0.70
CA ILE A 21 -2.00 7.62 -1.59
C ILE A 21 -3.22 7.95 -2.44
N VAL A 22 -3.68 6.97 -3.22
CA VAL A 22 -4.84 7.17 -4.09
C VAL A 22 -6.06 7.61 -3.30
N ILE A 23 -6.09 7.28 -2.01
CA ILE A 23 -7.20 7.65 -1.14
C ILE A 23 -7.23 9.16 -0.92
N SER A 24 -6.06 9.78 -0.99
CA SER A 24 -5.95 11.23 -0.78
C SER A 24 -6.86 11.98 -1.75
N LEU A 25 -7.08 11.41 -2.93
CA LEU A 25 -7.94 12.02 -3.93
C LEU A 25 -9.41 11.84 -3.57
N VAL A 26 -9.72 10.70 -2.94
CA VAL A 26 -11.08 10.41 -2.53
C VAL A 26 -11.60 11.49 -1.59
N MET A 27 -10.67 12.20 -0.96
CA MET A 27 -11.02 13.27 -0.03
C MET A 27 -11.31 14.57 -0.78
N LEU A 28 -10.69 14.72 -1.96
CA LEU A 28 -10.88 15.92 -2.77
C LEU A 28 -12.18 15.86 -3.57
N ARG A 29 -12.54 14.65 -4.03
CA ARG A 29 -13.76 14.47 -4.80
C ARG A 29 -14.99 14.77 -3.95
N LYS A 30 -14.79 14.82 -2.63
CA LYS A 30 -15.89 15.10 -1.71
C LYS A 30 -16.17 16.60 -1.66
N ARG A 31 -17.39 16.98 -2.05
CA ARG A 31 -17.79 18.38 -2.05
C ARG A 31 -19.10 18.58 -1.28
N SER A 1 10.95 -19.52 10.51
CA SER A 1 9.96 -18.41 10.47
C SER A 1 10.65 -17.06 10.62
N LEU A 2 11.95 -17.08 10.86
CA LEU A 2 12.72 -15.86 11.02
C LEU A 2 12.83 -15.09 9.71
N SER A 3 13.08 -15.82 8.63
CA SER A 3 13.20 -15.21 7.31
C SER A 3 12.17 -15.79 6.34
N SER A 4 12.33 -15.48 5.06
CA SER A 4 11.42 -15.97 4.01
C SER A 4 10.04 -15.37 4.19
N SER A 5 9.26 -15.92 5.11
CA SER A 5 7.91 -15.45 5.37
C SER A 5 7.91 -13.99 5.82
N ALA A 6 9.07 -13.53 6.30
CA ALA A 6 9.21 -12.15 6.76
C ALA A 6 8.93 -11.17 5.63
N LEU A 7 9.18 -11.60 4.40
CA LEU A 7 8.96 -10.75 3.23
C LEU A 7 7.48 -10.40 3.09
N ILE A 8 6.62 -11.30 3.56
CA ILE A 8 5.19 -11.09 3.49
C ILE A 8 4.75 -9.97 4.43
N GLY A 9 5.48 -9.81 5.53
CA GLY A 9 5.16 -8.77 6.49
C GLY A 9 5.63 -7.40 6.06
N LEU A 10 6.71 -7.37 5.29
CA LEU A 10 7.26 -6.11 4.81
C LEU A 10 6.57 -5.68 3.50
N LEU A 11 6.14 -6.66 2.73
CA LEU A 11 5.48 -6.39 1.46
C LEU A 11 4.09 -5.78 1.67
N VAL A 12 3.35 -6.32 2.65
CA VAL A 12 2.01 -5.83 2.93
C VAL A 12 2.02 -4.33 3.26
N ILE A 13 3.10 -3.88 3.89
CA ILE A 13 3.23 -2.47 4.25
C ILE A 13 3.64 -1.63 3.03
N ALA A 14 4.41 -2.25 2.14
CA ALA A 14 4.87 -1.57 0.93
C ALA A 14 3.70 -1.03 0.12
N VAL A 15 2.75 -1.90 -0.19
CA VAL A 15 1.58 -1.52 -0.97
C VAL A 15 0.58 -0.74 -0.11
N ALA A 16 0.67 -0.93 1.20
CA ALA A 16 -0.23 -0.25 2.13
C ALA A 16 -0.02 1.26 2.07
N ILE A 17 1.19 1.68 1.72
CA ILE A 17 1.52 3.10 1.63
C ILE A 17 1.13 3.65 0.26
N ALA A 18 1.02 2.76 -0.73
CA ALA A 18 0.64 3.17 -2.08
C ALA A 18 -0.87 3.29 -2.22
N THR A 19 -1.60 2.50 -1.43
CA THR A 19 -3.06 2.52 -1.47
C THR A 19 -3.63 3.73 -0.74
N VAL A 20 -2.94 4.16 0.32
CA VAL A 20 -3.38 5.31 1.09
C VAL A 20 -3.34 6.58 0.26
N ILE A 21 -2.50 6.57 -0.78
CA ILE A 21 -2.37 7.72 -1.66
C ILE A 21 -3.63 7.89 -2.51
N VAL A 22 -4.09 6.80 -3.09
CA VAL A 22 -5.30 6.82 -3.92
C VAL A 22 -6.49 7.29 -3.12
N ILE A 23 -6.42 7.11 -1.80
CA ILE A 23 -7.50 7.51 -0.91
C ILE A 23 -7.41 9.01 -0.58
N SER A 24 -6.20 9.55 -0.71
CA SER A 24 -5.98 10.97 -0.43
C SER A 24 -6.40 11.83 -1.62
N LEU A 25 -6.46 11.23 -2.80
CA LEU A 25 -6.83 11.95 -4.00
C LEU A 25 -8.35 11.94 -4.21
N VAL A 26 -8.98 10.83 -3.87
CA VAL A 26 -10.43 10.71 -4.02
C VAL A 26 -11.16 11.73 -3.15
N MET A 27 -10.47 12.20 -2.12
CA MET A 27 -11.04 13.19 -1.21
C MET A 27 -11.17 14.55 -1.89
N LEU A 28 -10.38 14.77 -2.93
CA LEU A 28 -10.40 16.03 -3.67
C LEU A 28 -11.59 16.06 -4.63
N ARG A 29 -12.30 14.94 -4.74
CA ARG A 29 -13.46 14.85 -5.62
C ARG A 29 -14.67 15.50 -4.96
N LYS A 30 -15.05 14.98 -3.79
CA LYS A 30 -16.19 15.51 -3.06
C LYS A 30 -17.44 15.52 -3.94
N ARG A 31 -17.67 14.41 -4.64
CA ARG A 31 -18.84 14.29 -5.51
C ARG A 31 -19.24 12.82 -5.68
N SER A 1 18.08 -18.84 2.34
CA SER A 1 18.43 -18.13 1.08
C SER A 1 17.38 -18.37 0.00
N LEU A 2 16.91 -19.61 -0.09
CA LEU A 2 15.91 -19.97 -1.08
C LEU A 2 14.51 -19.59 -0.59
N SER A 3 14.41 -19.26 0.69
CA SER A 3 13.14 -18.86 1.28
C SER A 3 12.87 -17.38 1.06
N SER A 4 11.60 -17.03 0.85
CA SER A 4 11.23 -15.65 0.63
C SER A 4 9.86 -15.35 1.25
N SER A 5 9.40 -16.24 2.11
CA SER A 5 8.11 -16.08 2.78
C SER A 5 8.15 -14.92 3.77
N ALA A 6 9.34 -14.61 4.27
CA ALA A 6 9.51 -13.54 5.24
C ALA A 6 9.54 -12.18 4.55
N LEU A 7 9.89 -12.18 3.26
CA LEU A 7 9.96 -10.95 2.49
C LEU A 7 8.57 -10.51 2.03
N ILE A 8 7.65 -11.47 1.93
CA ILE A 8 6.29 -11.18 1.51
C ILE A 8 5.58 -10.30 2.54
N GLY A 9 5.98 -10.43 3.79
CA GLY A 9 5.37 -9.64 4.86
C GLY A 9 5.80 -8.19 4.82
N LEU A 10 7.03 -7.95 4.38
CA LEU A 10 7.56 -6.60 4.30
C LEU A 10 7.19 -5.95 2.97
N LEU A 11 7.07 -6.76 1.93
CA LEU A 11 6.73 -6.26 0.60
C LEU A 11 5.26 -5.85 0.52
N VAL A 12 4.40 -6.62 1.18
CA VAL A 12 2.97 -6.33 1.17
C VAL A 12 2.70 -4.94 1.77
N ILE A 13 3.61 -4.49 2.62
CA ILE A 13 3.48 -3.18 3.25
C ILE A 13 3.79 -2.07 2.25
N ALA A 14 4.66 -2.38 1.29
CA ALA A 14 5.04 -1.42 0.26
C ALA A 14 3.83 -0.93 -0.51
N VAL A 15 2.87 -1.81 -0.68
CA VAL A 15 1.65 -1.47 -1.41
C VAL A 15 0.62 -0.83 -0.48
N ALA A 16 0.72 -1.12 0.80
CA ALA A 16 -0.18 -0.57 1.80
C ALA A 16 -0.04 0.95 1.88
N ILE A 17 1.17 1.42 1.63
CA ILE A 17 1.46 2.85 1.67
C ILE A 17 1.11 3.51 0.34
N ALA A 18 1.03 2.69 -0.70
CA ALA A 18 0.71 3.18 -2.03
C ALA A 18 -0.80 3.34 -2.21
N THR A 19 -1.57 2.49 -1.54
CA THR A 19 -3.03 2.54 -1.64
C THR A 19 -3.60 3.72 -0.84
N VAL A 20 -2.95 4.04 0.28
CA VAL A 20 -3.40 5.15 1.12
C VAL A 20 -3.30 6.47 0.37
N ILE A 21 -2.43 6.52 -0.63
CA ILE A 21 -2.24 7.72 -1.45
C ILE A 21 -3.45 7.94 -2.34
N VAL A 22 -3.93 6.87 -2.95
CA VAL A 22 -5.10 6.95 -3.82
C VAL A 22 -6.32 7.45 -3.05
N ILE A 23 -6.29 7.28 -1.73
CA ILE A 23 -7.39 7.71 -0.88
C ILE A 23 -7.33 9.21 -0.64
N SER A 24 -6.14 9.78 -0.80
CA SER A 24 -5.95 11.21 -0.60
C SER A 24 -6.45 12.01 -1.80
N LEU A 25 -6.55 11.34 -2.94
CA LEU A 25 -7.01 11.99 -4.17
C LEU A 25 -8.54 11.96 -4.28
N VAL A 26 -9.14 10.82 -3.97
CA VAL A 26 -10.59 10.68 -4.05
C VAL A 26 -11.28 11.76 -3.22
N MET A 27 -10.54 12.33 -2.27
CA MET A 27 -11.07 13.38 -1.42
C MET A 27 -11.05 14.73 -2.13
N LEU A 28 -9.96 14.98 -2.85
CA LEU A 28 -9.81 16.23 -3.59
C LEU A 28 -10.69 16.25 -4.83
N ARG A 29 -11.12 15.08 -5.27
CA ARG A 29 -11.98 14.98 -6.45
C ARG A 29 -13.45 14.93 -6.07
N LYS A 30 -13.72 14.56 -4.82
CA LYS A 30 -15.09 14.47 -4.33
C LYS A 30 -15.67 15.86 -4.09
N ARG A 31 -14.85 16.75 -3.56
CA ARG A 31 -15.28 18.12 -3.29
C ARG A 31 -14.62 19.10 -4.25
N SER A 1 20.86 -14.57 10.09
CA SER A 1 21.40 -14.67 8.72
C SER A 1 20.39 -15.31 7.77
N LEU A 2 20.05 -16.56 8.04
CA LEU A 2 19.08 -17.28 7.21
C LEU A 2 17.66 -16.79 7.48
N SER A 3 17.19 -15.89 6.62
CA SER A 3 15.85 -15.33 6.76
C SER A 3 15.41 -14.67 5.46
N SER A 4 14.21 -15.03 4.99
CA SER A 4 13.67 -14.47 3.76
C SER A 4 12.16 -14.29 3.86
N SER A 5 11.49 -15.23 4.52
CA SER A 5 10.04 -15.18 4.67
C SER A 5 9.62 -13.91 5.40
N ALA A 6 10.56 -13.30 6.11
CA ALA A 6 10.28 -12.07 6.86
C ALA A 6 9.80 -10.94 5.94
N LEU A 7 10.00 -11.12 4.63
CA LEU A 7 9.59 -10.10 3.66
C LEU A 7 8.08 -9.88 3.71
N ILE A 8 7.36 -10.84 4.26
CA ILE A 8 5.91 -10.76 4.37
C ILE A 8 5.48 -9.51 5.14
N GLY A 9 6.35 -9.06 6.04
CA GLY A 9 6.05 -7.89 6.84
C GLY A 9 6.31 -6.60 6.09
N LEU A 10 7.44 -6.53 5.41
CA LEU A 10 7.82 -5.34 4.65
C LEU A 10 7.03 -5.24 3.35
N LEU A 11 6.39 -6.35 2.96
CA LEU A 11 5.62 -6.39 1.74
C LEU A 11 4.21 -5.83 1.96
N VAL A 12 3.58 -6.25 3.05
CA VAL A 12 2.22 -5.81 3.38
C VAL A 12 2.20 -4.31 3.67
N ILE A 13 3.27 -3.80 4.26
CA ILE A 13 3.37 -2.39 4.58
C ILE A 13 3.69 -1.55 3.35
N ALA A 14 4.44 -2.14 2.42
CA ALA A 14 4.83 -1.46 1.20
C ALA A 14 3.60 -0.99 0.42
N VAL A 15 2.73 -1.92 0.08
CA VAL A 15 1.52 -1.61 -0.67
C VAL A 15 0.53 -0.82 0.17
N ALA A 16 0.59 -0.99 1.49
CA ALA A 16 -0.31 -0.29 2.40
C ALA A 16 -0.09 1.21 2.30
N ILE A 17 1.15 1.61 2.02
CA ILE A 17 1.50 3.02 1.90
C ILE A 17 1.21 3.53 0.49
N ALA A 18 1.13 2.61 -0.47
CA ALA A 18 0.87 2.95 -1.85
C ALA A 18 -0.62 3.15 -2.11
N THR A 19 -1.45 2.42 -1.36
CA THR A 19 -2.89 2.51 -1.51
C THR A 19 -3.45 3.78 -0.86
N VAL A 20 -2.84 4.20 0.24
CA VAL A 20 -3.28 5.39 0.95
C VAL A 20 -3.11 6.63 0.08
N ILE A 21 -2.19 6.54 -0.88
CA ILE A 21 -1.93 7.65 -1.79
C ILE A 21 -3.10 7.84 -2.76
N VAL A 22 -3.57 6.75 -3.33
CA VAL A 22 -4.68 6.78 -4.27
C VAL A 22 -5.95 7.29 -3.58
N ILE A 23 -5.99 7.17 -2.27
CA ILE A 23 -7.15 7.61 -1.49
C ILE A 23 -7.09 9.12 -1.22
N SER A 24 -5.90 9.69 -1.32
CA SER A 24 -5.71 11.12 -1.08
C SER A 24 -6.62 11.96 -1.98
N LEU A 25 -6.70 11.59 -3.26
CA LEU A 25 -7.53 12.32 -4.22
C LEU A 25 -9.01 11.99 -4.03
N VAL A 26 -9.29 10.78 -3.54
CA VAL A 26 -10.67 10.34 -3.32
C VAL A 26 -11.38 11.24 -2.33
N MET A 27 -10.61 11.87 -1.44
CA MET A 27 -11.17 12.76 -0.43
C MET A 27 -11.79 14.00 -1.07
N LEU A 28 -11.24 14.40 -2.21
CA LEU A 28 -11.74 15.58 -2.93
C LEU A 28 -13.11 15.31 -3.53
N ARG A 29 -13.42 14.04 -3.77
CA ARG A 29 -14.70 13.66 -4.35
C ARG A 29 -15.46 12.71 -3.43
N LYS A 30 -15.15 12.77 -2.14
CA LYS A 30 -15.81 11.91 -1.15
C LYS A 30 -17.18 12.46 -0.77
N ARG A 31 -18.21 12.03 -1.49
CA ARG A 31 -19.57 12.49 -1.23
C ARG A 31 -20.47 11.32 -0.82
N SER A 1 6.30 -22.39 3.32
CA SER A 1 6.97 -22.84 2.08
C SER A 1 6.20 -22.39 0.84
N LEU A 2 4.90 -22.66 0.83
CA LEU A 2 4.05 -22.28 -0.28
C LEU A 2 3.43 -20.91 -0.05
N SER A 3 2.90 -20.70 1.15
CA SER A 3 2.27 -19.43 1.51
C SER A 3 3.28 -18.50 2.17
N SER A 4 3.88 -18.96 3.27
CA SER A 4 4.86 -18.17 4.00
C SER A 4 4.29 -16.82 4.43
N SER A 5 3.63 -16.81 5.58
CA SER A 5 3.02 -15.58 6.10
C SER A 5 4.09 -14.54 6.46
N ALA A 6 5.32 -15.01 6.65
CA ALA A 6 6.43 -14.13 6.98
C ALA A 6 6.61 -13.03 5.93
N LEU A 7 6.58 -13.42 4.66
CA LEU A 7 6.74 -12.48 3.57
C LEU A 7 5.47 -11.66 3.35
N ILE A 8 4.32 -12.25 3.71
CA ILE A 8 3.04 -11.58 3.56
C ILE A 8 2.94 -10.36 4.48
N GLY A 9 3.73 -10.38 5.55
CA GLY A 9 3.72 -9.27 6.50
C GLY A 9 4.40 -8.03 5.97
N LEU A 10 5.39 -8.21 5.10
CA LEU A 10 6.12 -7.09 4.53
C LEU A 10 5.42 -6.56 3.28
N LEU A 11 4.99 -7.47 2.42
CA LEU A 11 4.31 -7.09 1.18
C LEU A 11 3.03 -6.32 1.45
N VAL A 12 2.33 -6.67 2.54
CA VAL A 12 1.08 -6.02 2.89
C VAL A 12 1.32 -4.56 3.29
N ILE A 13 2.44 -4.29 3.92
CA ILE A 13 2.77 -2.94 4.36
C ILE A 13 3.25 -2.08 3.19
N ALA A 14 4.04 -2.69 2.31
CA ALA A 14 4.56 -1.99 1.14
C ALA A 14 3.44 -1.35 0.33
N VAL A 15 2.36 -2.11 0.15
CA VAL A 15 1.21 -1.64 -0.60
C VAL A 15 0.26 -0.82 0.29
N ALA A 16 0.35 -1.06 1.59
CA ALA A 16 -0.51 -0.35 2.54
C ALA A 16 -0.23 1.14 2.52
N ILE A 17 1.00 1.52 2.15
CA ILE A 17 1.39 2.91 2.08
C ILE A 17 1.00 3.52 0.74
N ALA A 18 0.98 2.70 -0.30
CA ALA A 18 0.64 3.15 -1.64
C ALA A 18 -0.86 3.41 -1.79
N THR A 19 -1.67 2.52 -1.22
CA THR A 19 -3.12 2.65 -1.30
C THR A 19 -3.59 3.97 -0.69
N VAL A 20 -2.92 4.41 0.37
CA VAL A 20 -3.28 5.65 1.04
C VAL A 20 -3.17 6.84 0.08
N ILE A 21 -2.22 6.76 -0.84
CA ILE A 21 -2.01 7.83 -1.81
C ILE A 21 -3.16 7.90 -2.81
N VAL A 22 -3.52 6.74 -3.35
CA VAL A 22 -4.61 6.67 -4.32
C VAL A 22 -5.91 7.15 -3.70
N ILE A 23 -6.04 6.97 -2.40
CA ILE A 23 -7.24 7.39 -1.68
C ILE A 23 -7.17 8.86 -1.28
N SER A 24 -5.94 9.37 -1.19
CA SER A 24 -5.72 10.77 -0.81
C SER A 24 -6.41 11.72 -1.79
N LEU A 25 -6.67 11.24 -2.99
CA LEU A 25 -7.34 12.05 -4.01
C LEU A 25 -8.84 11.84 -3.99
N VAL A 26 -9.27 10.64 -3.59
CA VAL A 26 -10.69 10.32 -3.52
C VAL A 26 -11.43 11.27 -2.60
N MET A 27 -10.71 11.84 -1.62
CA MET A 27 -11.29 12.78 -0.67
C MET A 27 -11.64 14.09 -1.36
N LEU A 28 -10.79 14.50 -2.30
CA LEU A 28 -11.00 15.74 -3.03
C LEU A 28 -12.06 15.57 -4.12
N ARG A 29 -12.56 14.35 -4.27
CA ARG A 29 -13.56 14.06 -5.29
C ARG A 29 -14.97 14.19 -4.72
N LYS A 30 -15.27 13.39 -3.70
CA LYS A 30 -16.58 13.42 -3.07
C LYS A 30 -16.57 12.70 -1.72
N ARG A 31 -17.24 13.29 -0.74
CA ARG A 31 -17.32 12.72 0.60
C ARG A 31 -18.22 13.55 1.49
N SER A 1 18.38 -18.34 3.98
CA SER A 1 16.97 -18.71 3.70
C SER A 1 16.48 -19.76 4.68
N LEU A 2 15.29 -19.54 5.23
CA LEU A 2 14.71 -20.47 6.19
C LEU A 2 13.19 -20.53 6.05
N SER A 3 12.70 -20.19 4.85
CA SER A 3 11.28 -20.20 4.57
C SER A 3 10.52 -19.29 5.54
N SER A 4 10.94 -18.03 5.61
CA SER A 4 10.30 -17.05 6.49
C SER A 4 8.93 -16.66 5.96
N SER A 5 7.91 -17.42 6.32
CA SER A 5 6.54 -17.14 5.89
C SER A 5 6.06 -15.79 6.41
N ALA A 6 6.72 -15.30 7.45
CA ALA A 6 6.38 -14.01 8.06
C ALA A 6 6.44 -12.87 7.05
N LEU A 7 7.06 -13.12 5.91
CA LEU A 7 7.19 -12.10 4.86
C LEU A 7 5.82 -11.55 4.45
N ILE A 8 4.78 -12.36 4.65
CA ILE A 8 3.43 -11.95 4.29
C ILE A 8 3.03 -10.65 5.01
N GLY A 9 3.56 -10.47 6.22
CA GLY A 9 3.24 -9.28 6.99
C GLY A 9 4.05 -8.08 6.57
N LEU A 10 5.22 -8.33 5.98
CA LEU A 10 6.10 -7.26 5.53
C LEU A 10 5.71 -6.79 4.13
N LEU A 11 5.02 -7.65 3.39
CA LEU A 11 4.59 -7.33 2.04
C LEU A 11 3.27 -6.56 2.04
N VAL A 12 2.39 -6.90 2.98
CA VAL A 12 1.09 -6.25 3.08
C VAL A 12 1.24 -4.78 3.44
N ILE A 13 2.33 -4.44 4.13
CA ILE A 13 2.58 -3.07 4.54
C ILE A 13 3.09 -2.22 3.37
N ALA A 14 3.85 -2.84 2.48
CA ALA A 14 4.40 -2.15 1.32
C ALA A 14 3.31 -1.45 0.52
N VAL A 15 2.22 -2.18 0.27
CA VAL A 15 1.09 -1.64 -0.49
C VAL A 15 0.17 -0.83 0.40
N ALA A 16 0.24 -1.07 1.71
CA ALA A 16 -0.59 -0.37 2.67
C ALA A 16 -0.39 1.14 2.60
N ILE A 17 0.83 1.56 2.26
CA ILE A 17 1.14 2.98 2.16
C ILE A 17 0.79 3.52 0.77
N ALA A 18 1.03 2.71 -0.25
CA ALA A 18 0.77 3.11 -1.63
C ALA A 18 -0.72 3.38 -1.87
N THR A 19 -1.57 2.55 -1.27
CA THR A 19 -3.02 2.71 -1.42
C THR A 19 -3.50 4.03 -0.84
N VAL A 20 -2.88 4.46 0.25
CA VAL A 20 -3.26 5.71 0.91
C VAL A 20 -3.13 6.90 -0.07
N ILE A 21 -2.27 6.74 -1.06
CA ILE A 21 -2.04 7.79 -2.05
C ILE A 21 -3.27 7.97 -2.94
N VAL A 22 -3.78 6.86 -3.47
CA VAL A 22 -4.95 6.89 -4.34
C VAL A 22 -6.21 7.26 -3.55
N ILE A 23 -6.20 6.97 -2.26
CA ILE A 23 -7.34 7.28 -1.40
C ILE A 23 -7.32 8.74 -0.96
N SER A 24 -6.13 9.29 -0.81
CA SER A 24 -5.97 10.68 -0.39
C SER A 24 -6.54 11.63 -1.44
N LEU A 25 -6.63 11.15 -2.67
CA LEU A 25 -7.16 11.95 -3.77
C LEU A 25 -8.68 12.02 -3.72
N VAL A 26 -9.30 10.89 -3.40
CA VAL A 26 -10.75 10.81 -3.31
C VAL A 26 -11.28 11.85 -2.32
N MET A 27 -10.43 12.22 -1.36
CA MET A 27 -10.79 13.20 -0.35
C MET A 27 -10.84 14.60 -0.96
N LEU A 28 -9.87 14.90 -1.81
CA LEU A 28 -9.80 16.21 -2.47
C LEU A 28 -10.98 16.40 -3.41
N ARG A 29 -11.56 15.30 -3.87
CA ARG A 29 -12.71 15.35 -4.77
C ARG A 29 -13.98 15.69 -4.00
N LYS A 30 -13.96 15.44 -2.70
CA LYS A 30 -15.11 15.73 -1.84
C LYS A 30 -15.11 17.19 -1.41
N ARG A 31 -16.30 17.80 -1.45
CA ARG A 31 -16.45 19.21 -1.07
C ARG A 31 -17.38 19.35 0.13
N SER A 1 16.29 0.38 -2.70
CA SER A 1 16.85 1.76 -2.75
C SER A 1 18.05 1.90 -1.81
N LEU A 2 18.26 0.88 -0.99
CA LEU A 2 19.37 0.88 -0.03
C LEU A 2 19.69 -0.54 0.42
N SER A 3 18.65 -1.28 0.83
CA SER A 3 18.83 -2.65 1.29
C SER A 3 18.69 -3.64 0.13
N SER A 4 18.91 -4.92 0.42
CA SER A 4 18.81 -5.96 -0.60
C SER A 4 17.84 -7.05 -0.17
N SER A 5 18.26 -7.86 0.80
CA SER A 5 17.42 -8.95 1.29
C SER A 5 16.36 -8.42 2.26
N ALA A 6 16.63 -7.26 2.85
CA ALA A 6 15.71 -6.65 3.80
C ALA A 6 14.52 -6.04 3.08
N LEU A 7 14.65 -5.88 1.76
CA LEU A 7 13.59 -5.30 0.94
C LEU A 7 12.31 -6.14 1.02
N ILE A 8 12.45 -7.40 1.46
CA ILE A 8 11.32 -8.30 1.57
C ILE A 8 10.25 -7.71 2.50
N GLY A 9 10.69 -7.09 3.58
CA GLY A 9 9.76 -6.49 4.53
C GLY A 9 9.30 -5.11 4.10
N LEU A 10 10.15 -4.41 3.36
CA LEU A 10 9.82 -3.07 2.88
C LEU A 10 8.88 -3.16 1.67
N LEU A 11 8.79 -4.35 1.08
CA LEU A 11 7.93 -4.56 -0.07
C LEU A 11 6.46 -4.51 0.34
N VAL A 12 6.13 -5.27 1.38
CA VAL A 12 4.75 -5.32 1.88
C VAL A 12 4.31 -3.95 2.40
N ILE A 13 5.28 -3.14 2.80
CA ILE A 13 4.99 -1.80 3.31
C ILE A 13 4.87 -0.80 2.17
N ALA A 14 5.56 -1.06 1.07
CA ALA A 14 5.53 -0.19 -0.10
C ALA A 14 4.11 -0.01 -0.61
N VAL A 15 3.36 -1.11 -0.65
CA VAL A 15 1.99 -1.07 -1.13
C VAL A 15 1.02 -0.62 -0.05
N ALA A 16 1.36 -0.90 1.20
CA ALA A 16 0.51 -0.50 2.32
C ALA A 16 0.28 1.01 2.33
N ILE A 17 1.30 1.76 1.95
CA ILE A 17 1.21 3.21 1.90
C ILE A 17 0.64 3.68 0.57
N ALA A 18 0.94 2.93 -0.49
CA ALA A 18 0.47 3.27 -1.83
C ALA A 18 -1.05 3.37 -1.90
N THR A 19 -1.72 2.42 -1.24
CA THR A 19 -3.18 2.39 -1.23
C THR A 19 -3.75 3.63 -0.54
N VAL A 20 -2.93 4.27 0.30
CA VAL A 20 -3.37 5.47 1.02
C VAL A 20 -3.40 6.68 0.11
N ILE A 21 -2.61 6.64 -0.96
CA ILE A 21 -2.55 7.74 -1.91
C ILE A 21 -3.83 7.88 -2.71
N VAL A 22 -4.26 6.79 -3.34
CA VAL A 22 -5.48 6.78 -4.15
C VAL A 22 -6.69 7.21 -3.31
N ILE A 23 -6.60 7.02 -2.01
CA ILE A 23 -7.69 7.38 -1.10
C ILE A 23 -7.62 8.85 -0.71
N SER A 24 -6.41 9.41 -0.69
CA SER A 24 -6.21 10.81 -0.33
C SER A 24 -6.49 11.74 -1.51
N LEU A 25 -6.44 11.21 -2.72
CA LEU A 25 -6.68 12.00 -3.91
C LEU A 25 -8.15 11.97 -4.32
N VAL A 26 -8.79 10.82 -4.12
CA VAL A 26 -10.20 10.66 -4.47
C VAL A 26 -11.07 11.62 -3.66
N MET A 27 -10.53 12.10 -2.54
CA MET A 27 -11.25 13.02 -1.67
C MET A 27 -11.29 14.42 -2.26
N LEU A 28 -10.34 14.72 -3.16
CA LEU A 28 -10.27 16.02 -3.80
C LEU A 28 -11.32 16.17 -4.89
N ARG A 29 -11.73 15.04 -5.47
CA ARG A 29 -12.75 15.05 -6.51
C ARG A 29 -14.13 14.80 -5.94
N LYS A 30 -14.21 14.77 -4.61
CA LYS A 30 -15.48 14.54 -3.93
C LYS A 30 -15.61 15.44 -2.70
N ARG A 31 -16.71 15.29 -1.97
CA ARG A 31 -16.96 16.09 -0.78
C ARG A 31 -16.68 15.28 0.49
N SER A 1 12.48 -22.35 9.05
CA SER A 1 12.32 -23.20 7.85
C SER A 1 11.49 -22.50 6.78
N LEU A 2 11.91 -22.64 5.52
CA LEU A 2 11.21 -22.01 4.40
C LEU A 2 11.10 -20.51 4.60
N SER A 3 12.14 -19.79 4.18
CA SER A 3 12.16 -18.34 4.31
C SER A 3 11.49 -17.67 3.12
N SER A 4 10.24 -17.25 3.30
CA SER A 4 9.48 -16.60 2.24
C SER A 4 8.54 -15.54 2.81
N SER A 5 8.36 -15.56 4.13
CA SER A 5 7.49 -14.61 4.80
C SER A 5 8.19 -13.27 4.98
N ALA A 6 9.52 -13.28 4.92
CA ALA A 6 10.30 -12.06 5.10
C ALA A 6 9.89 -10.99 4.09
N LEU A 7 9.67 -11.39 2.85
CA LEU A 7 9.28 -10.46 1.79
C LEU A 7 7.81 -10.06 1.92
N ILE A 8 7.01 -10.96 2.51
CA ILE A 8 5.59 -10.70 2.69
C ILE A 8 5.36 -9.58 3.71
N GLY A 9 6.32 -9.39 4.60
CA GLY A 9 6.21 -8.35 5.61
C GLY A 9 6.59 -6.98 5.09
N LEU A 10 7.55 -6.93 4.19
CA LEU A 10 8.00 -5.66 3.61
C LEU A 10 7.14 -5.27 2.41
N LEU A 11 6.52 -6.26 1.78
CA LEU A 11 5.68 -6.01 0.62
C LEU A 11 4.30 -5.47 1.03
N VAL A 12 3.74 -6.04 2.09
CA VAL A 12 2.44 -5.60 2.58
C VAL A 12 2.46 -4.13 2.97
N ILE A 13 3.62 -3.66 3.41
CA ILE A 13 3.77 -2.26 3.81
C ILE A 13 4.07 -1.38 2.60
N ALA A 14 4.80 -1.93 1.63
CA ALA A 14 5.15 -1.20 0.42
C ALA A 14 3.90 -0.80 -0.35
N VAL A 15 2.92 -1.69 -0.37
CA VAL A 15 1.66 -1.42 -1.08
C VAL A 15 0.69 -0.66 -0.18
N ALA A 16 0.82 -0.84 1.13
CA ALA A 16 -0.06 -0.17 2.09
C ALA A 16 0.10 1.35 2.00
N ILE A 17 1.29 1.80 1.64
CA ILE A 17 1.58 3.22 1.52
C ILE A 17 1.13 3.74 0.16
N ALA A 18 0.98 2.82 -0.79
CA ALA A 18 0.55 3.18 -2.14
C ALA A 18 -0.96 3.30 -2.23
N THR A 19 -1.66 2.43 -1.52
CA THR A 19 -3.13 2.43 -1.53
C THR A 19 -3.69 3.62 -0.77
N VAL A 20 -2.99 4.05 0.28
CA VAL A 20 -3.44 5.17 1.09
C VAL A 20 -3.44 6.47 0.27
N ILE A 21 -2.63 6.50 -0.78
CA ILE A 21 -2.54 7.67 -1.65
C ILE A 21 -3.80 7.81 -2.50
N VAL A 22 -4.23 6.70 -3.07
CA VAL A 22 -5.43 6.69 -3.91
C VAL A 22 -6.62 7.28 -3.16
N ILE A 23 -6.56 7.22 -1.83
CA ILE A 23 -7.63 7.75 -0.99
C ILE A 23 -7.44 9.25 -0.75
N SER A 24 -6.21 9.65 -0.50
CA SER A 24 -5.88 11.04 -0.24
C SER A 24 -6.22 11.92 -1.44
N LEU A 25 -6.19 11.32 -2.62
CA LEU A 25 -6.50 12.06 -3.85
C LEU A 25 -7.99 12.34 -3.96
N VAL A 26 -8.81 11.41 -3.48
CA VAL A 26 -10.25 11.57 -3.51
C VAL A 26 -10.68 12.78 -2.69
N MET A 27 -9.82 13.16 -1.74
CA MET A 27 -10.09 14.30 -0.87
C MET A 27 -9.90 15.61 -1.62
N LEU A 28 -9.07 15.57 -2.67
CA LEU A 28 -8.79 16.76 -3.47
C LEU A 28 -9.85 16.96 -4.54
N ARG A 29 -10.68 15.93 -4.75
CA ARG A 29 -11.74 16.00 -5.75
C ARG A 29 -12.81 17.02 -5.35
N LYS A 30 -12.83 17.37 -4.06
CA LYS A 30 -13.79 18.33 -3.54
C LYS A 30 -15.22 17.83 -3.69
N ARG A 31 -15.80 18.04 -4.87
CA ARG A 31 -17.16 17.60 -5.14
C ARG A 31 -17.30 17.11 -6.58
N SER A 1 18.66 -19.81 4.59
CA SER A 1 18.60 -19.87 6.07
C SER A 1 17.33 -19.21 6.58
N LEU A 2 17.20 -17.91 6.34
CA LEU A 2 16.02 -17.16 6.78
C LEU A 2 14.81 -17.50 5.91
N SER A 3 13.63 -17.10 6.38
CA SER A 3 12.39 -17.35 5.65
C SER A 3 11.66 -16.05 5.34
N SER A 4 12.40 -15.08 4.81
CA SER A 4 11.84 -13.77 4.46
C SER A 4 10.98 -13.22 5.58
N SER A 5 11.57 -13.07 6.77
CA SER A 5 10.86 -12.55 7.93
C SER A 5 10.75 -11.04 7.87
N ALA A 6 11.78 -10.40 7.31
CA ALA A 6 11.81 -8.94 7.19
C ALA A 6 11.11 -8.48 5.92
N LEU A 7 11.30 -9.24 4.84
CA LEU A 7 10.71 -8.90 3.55
C LEU A 7 9.18 -8.99 3.60
N ILE A 8 8.66 -9.95 4.37
CA ILE A 8 7.23 -10.14 4.49
C ILE A 8 6.59 -8.97 5.24
N GLY A 9 7.33 -8.38 6.16
CA GLY A 9 6.81 -7.27 6.93
C GLY A 9 6.94 -5.94 6.19
N LEU A 10 7.89 -5.87 5.27
CA LEU A 10 8.10 -4.65 4.49
C LEU A 10 7.20 -4.59 3.27
N LEU A 11 6.98 -5.75 2.64
CA LEU A 11 6.13 -5.83 1.46
C LEU A 11 4.69 -5.47 1.78
N VAL A 12 4.16 -6.02 2.87
CA VAL A 12 2.79 -5.76 3.28
C VAL A 12 2.55 -4.28 3.51
N ILE A 13 3.55 -3.59 4.05
CA ILE A 13 3.44 -2.16 4.30
C ILE A 13 3.81 -1.35 3.05
N ALA A 14 4.57 -1.98 2.16
CA ALA A 14 4.98 -1.33 0.93
C ALA A 14 3.78 -0.96 0.08
N VAL A 15 2.79 -1.83 0.07
CA VAL A 15 1.58 -1.61 -0.69
C VAL A 15 0.57 -0.78 0.10
N ALA A 16 0.65 -0.87 1.42
CA ALA A 16 -0.25 -0.13 2.29
C ALA A 16 -0.06 1.38 2.12
N ILE A 17 1.16 1.77 1.79
CA ILE A 17 1.49 3.18 1.60
C ILE A 17 1.11 3.64 0.20
N ALA A 18 0.99 2.66 -0.70
CA ALA A 18 0.62 2.95 -2.09
C ALA A 18 -0.89 3.12 -2.23
N THR A 19 -1.64 2.36 -1.46
CA THR A 19 -3.10 2.42 -1.51
C THR A 19 -3.63 3.69 -0.85
N VAL A 20 -2.97 4.11 0.23
CA VAL A 20 -3.39 5.30 0.95
C VAL A 20 -3.32 6.53 0.05
N ILE A 21 -2.46 6.46 -0.96
CA ILE A 21 -2.30 7.58 -1.91
C ILE A 21 -3.56 7.76 -2.73
N VAL A 22 -4.05 6.67 -3.30
CA VAL A 22 -5.26 6.71 -4.11
C VAL A 22 -6.45 7.18 -3.29
N ILE A 23 -6.36 6.99 -1.98
CA ILE A 23 -7.43 7.39 -1.06
C ILE A 23 -7.29 8.85 -0.66
N SER A 24 -6.08 9.40 -0.84
CA SER A 24 -5.81 10.79 -0.49
C SER A 24 -6.30 11.74 -1.57
N LEU A 25 -6.46 11.22 -2.79
CA LEU A 25 -6.93 12.04 -3.91
C LEU A 25 -8.43 11.93 -4.11
N VAL A 26 -8.99 10.76 -3.79
CA VAL A 26 -10.43 10.55 -3.94
C VAL A 26 -11.23 11.50 -3.07
N MET A 27 -10.58 12.02 -2.02
CA MET A 27 -11.23 12.94 -1.09
C MET A 27 -11.45 14.31 -1.75
N LEU A 28 -10.59 14.65 -2.71
CA LEU A 28 -10.68 15.93 -3.41
C LEU A 28 -11.85 15.93 -4.39
N ARG A 29 -12.56 14.81 -4.45
CA ARG A 29 -13.70 14.67 -5.35
C ARG A 29 -14.83 15.62 -4.96
N LYS A 30 -15.26 15.53 -3.70
CA LYS A 30 -16.34 16.38 -3.20
C LYS A 30 -15.79 17.72 -2.71
N ARG A 31 -15.08 17.69 -1.59
CA ARG A 31 -14.49 18.90 -1.02
C ARG A 31 -13.09 18.63 -0.50
N SER A 1 10.27 -18.52 -0.15
CA SER A 1 10.24 -18.56 -1.65
C SER A 1 9.04 -19.36 -2.14
N LEU A 2 8.94 -20.60 -1.69
CA LEU A 2 7.83 -21.48 -2.09
C LEU A 2 6.55 -21.09 -1.36
N SER A 3 6.69 -20.30 -0.30
CA SER A 3 5.55 -19.85 0.49
C SER A 3 5.34 -18.34 0.35
N SER A 4 4.10 -17.91 0.55
CA SER A 4 3.77 -16.49 0.45
C SER A 4 3.57 -15.88 1.83
N SER A 5 3.94 -16.62 2.86
CA SER A 5 3.79 -16.15 4.23
C SER A 5 4.91 -15.17 4.60
N ALA A 6 6.06 -15.34 3.95
CA ALA A 6 7.21 -14.47 4.20
C ALA A 6 7.15 -13.22 3.33
N LEU A 7 6.48 -13.32 2.18
CA LEU A 7 6.35 -12.20 1.27
C LEU A 7 5.17 -11.31 1.62
N ILE A 8 4.10 -11.91 2.15
CA ILE A 8 2.91 -11.17 2.52
C ILE A 8 3.24 -10.09 3.55
N GLY A 9 4.29 -10.32 4.33
CA GLY A 9 4.68 -9.36 5.34
C GLY A 9 5.28 -8.09 4.75
N LEU A 10 6.12 -8.26 3.73
CA LEU A 10 6.76 -7.13 3.08
C LEU A 10 5.87 -6.54 1.98
N LEU A 11 4.89 -7.33 1.55
CA LEU A 11 3.98 -6.89 0.50
C LEU A 11 2.76 -6.16 1.07
N VAL A 12 2.38 -6.50 2.30
CA VAL A 12 1.24 -5.88 2.94
C VAL A 12 1.54 -4.43 3.30
N ILE A 13 2.83 -4.10 3.43
CA ILE A 13 3.25 -2.76 3.78
C ILE A 13 3.60 -1.97 2.51
N ALA A 14 4.17 -2.65 1.53
CA ALA A 14 4.56 -2.02 0.27
C ALA A 14 3.35 -1.46 -0.47
N VAL A 15 2.25 -2.19 -0.42
CA VAL A 15 1.03 -1.76 -1.10
C VAL A 15 0.20 -0.84 -0.21
N ALA A 16 0.28 -1.04 1.10
CA ALA A 16 -0.47 -0.22 2.04
C ALA A 16 -0.08 1.26 1.93
N ILE A 17 1.19 1.50 1.60
CA ILE A 17 1.69 2.87 1.45
C ILE A 17 1.29 3.44 0.10
N ALA A 18 0.97 2.56 -0.83
CA ALA A 18 0.56 2.97 -2.17
C ALA A 18 -0.92 3.33 -2.22
N THR A 19 -1.74 2.49 -1.60
CA THR A 19 -3.19 2.71 -1.58
C THR A 19 -3.55 3.94 -0.77
N VAL A 20 -2.88 4.14 0.36
CA VAL A 20 -3.14 5.29 1.22
C VAL A 20 -3.05 6.60 0.45
N ILE A 21 -2.31 6.58 -0.66
CA ILE A 21 -2.14 7.76 -1.49
C ILE A 21 -3.40 8.03 -2.32
N VAL A 22 -3.92 6.98 -2.95
CA VAL A 22 -5.12 7.08 -3.78
C VAL A 22 -6.32 7.53 -2.95
N ILE A 23 -6.27 7.27 -1.64
CA ILE A 23 -7.36 7.65 -0.75
C ILE A 23 -7.44 9.15 -0.56
N SER A 24 -6.33 9.84 -0.80
CA SER A 24 -6.26 11.29 -0.65
C SER A 24 -6.82 12.02 -1.86
N LEU A 25 -6.85 11.35 -3.01
CA LEU A 25 -7.35 11.96 -4.24
C LEU A 25 -8.75 11.46 -4.60
N VAL A 26 -9.06 10.23 -4.19
CA VAL A 26 -10.37 9.66 -4.49
C VAL A 26 -11.50 10.50 -3.88
N MET A 27 -11.19 11.22 -2.82
CA MET A 27 -12.18 12.07 -2.16
C MET A 27 -12.57 13.25 -3.04
N LEU A 28 -11.67 13.65 -3.93
CA LEU A 28 -11.91 14.78 -4.83
C LEU A 28 -12.33 14.30 -6.21
N ARG A 29 -12.12 13.02 -6.49
CA ARG A 29 -12.46 12.43 -7.78
C ARG A 29 -13.88 11.86 -7.76
N LYS A 30 -14.71 12.36 -6.86
CA LYS A 30 -16.09 11.90 -6.74
C LYS A 30 -16.15 10.40 -6.47
N ARG A 31 -17.36 9.85 -6.47
CA ARG A 31 -17.57 8.42 -6.24
C ARG A 31 -18.72 7.90 -7.09
N SER A 1 1.12 -13.49 -7.39
CA SER A 1 0.85 -14.29 -6.17
C SER A 1 0.91 -15.78 -6.46
N LEU A 2 1.20 -16.12 -7.71
CA LEU A 2 1.29 -17.52 -8.13
C LEU A 2 2.69 -17.85 -8.63
N SER A 3 3.55 -16.84 -8.67
CA SER A 3 4.92 -17.03 -9.14
C SER A 3 5.88 -17.23 -7.96
N SER A 4 6.20 -16.13 -7.28
CA SER A 4 7.11 -16.19 -6.14
C SER A 4 6.56 -15.38 -4.97
N SER A 5 6.03 -16.07 -3.97
CA SER A 5 5.47 -15.42 -2.79
C SER A 5 6.57 -14.79 -1.93
N ALA A 6 7.80 -15.28 -2.10
CA ALA A 6 8.93 -14.78 -1.33
C ALA A 6 9.12 -13.28 -1.54
N LEU A 7 9.06 -12.84 -2.79
CA LEU A 7 9.22 -11.43 -3.12
C LEU A 7 7.99 -10.63 -2.75
N ILE A 8 6.81 -11.23 -2.93
CA ILE A 8 5.55 -10.56 -2.62
C ILE A 8 5.48 -10.20 -1.13
N GLY A 9 6.11 -11.01 -0.30
CA GLY A 9 6.10 -10.75 1.13
C GLY A 9 6.77 -9.45 1.50
N LEU A 10 7.77 -9.05 0.70
CA LEU A 10 8.50 -7.82 0.94
C LEU A 10 7.81 -6.63 0.28
N LEU A 11 7.38 -6.82 -0.97
CA LEU A 11 6.73 -5.77 -1.73
C LEU A 11 5.33 -5.47 -1.21
N VAL A 12 4.77 -6.37 -0.40
CA VAL A 12 3.44 -6.19 0.15
C VAL A 12 3.34 -4.89 0.94
N ILE A 13 4.46 -4.44 1.48
CA ILE A 13 4.49 -3.20 2.25
C ILE A 13 4.50 -1.98 1.33
N ALA A 14 5.12 -2.12 0.17
CA ALA A 14 5.21 -1.04 -0.80
C ALA A 14 3.83 -0.55 -1.22
N VAL A 15 2.96 -1.51 -1.56
CA VAL A 15 1.60 -1.17 -1.98
C VAL A 15 0.71 -0.81 -0.79
N ALA A 16 1.09 -1.30 0.39
CA ALA A 16 0.33 -1.02 1.61
C ALA A 16 0.26 0.48 1.86
N ILE A 17 1.35 1.18 1.57
CA ILE A 17 1.42 2.62 1.77
C ILE A 17 0.87 3.38 0.56
N ALA A 18 1.04 2.79 -0.62
CA ALA A 18 0.58 3.40 -1.87
C ALA A 18 -0.94 3.57 -1.89
N THR A 19 -1.65 2.51 -1.49
CA THR A 19 -3.10 2.53 -1.47
C THR A 19 -3.64 3.68 -0.62
N VAL A 20 -2.87 4.10 0.37
CA VAL A 20 -3.28 5.18 1.25
C VAL A 20 -3.32 6.52 0.50
N ILE A 21 -2.42 6.66 -0.49
CA ILE A 21 -2.36 7.88 -1.28
C ILE A 21 -3.53 7.97 -2.24
N VAL A 22 -3.96 6.82 -2.74
CA VAL A 22 -5.09 6.75 -3.66
C VAL A 22 -6.37 7.26 -2.99
N ILE A 23 -6.38 7.24 -1.66
CA ILE A 23 -7.53 7.69 -0.89
C ILE A 23 -7.49 9.20 -0.68
N SER A 24 -6.30 9.77 -0.83
CA SER A 24 -6.12 11.22 -0.66
C SER A 24 -6.52 11.98 -1.92
N LEU A 25 -6.54 11.29 -3.05
CA LEU A 25 -6.90 11.91 -4.32
C LEU A 25 -8.41 11.91 -4.54
N VAL A 26 -9.06 10.81 -4.15
CA VAL A 26 -10.50 10.70 -4.29
C VAL A 26 -11.22 11.78 -3.48
N MET A 27 -10.51 12.31 -2.48
CA MET A 27 -11.05 13.34 -1.61
C MET A 27 -11.02 14.71 -2.30
N LEU A 28 -10.34 14.81 -3.43
CA LEU A 28 -10.22 16.07 -4.16
C LEU A 28 -11.26 16.22 -5.25
N ARG A 29 -11.39 15.20 -6.10
CA ARG A 29 -12.35 15.26 -7.21
C ARG A 29 -13.32 14.08 -7.21
N LYS A 30 -13.41 13.40 -6.07
CA LYS A 30 -14.31 12.25 -5.94
C LYS A 30 -14.05 11.23 -7.05
N ARG A 31 -12.94 10.50 -6.92
CA ARG A 31 -12.57 9.48 -7.89
C ARG A 31 -12.37 10.10 -9.28
N SER A 1 -2.66 -15.95 -2.22
CA SER A 1 -2.10 -16.69 -3.36
C SER A 1 -1.47 -15.74 -4.38
N LEU A 2 -0.83 -14.70 -3.87
CA LEU A 2 -0.19 -13.71 -4.74
C LEU A 2 1.30 -14.04 -4.93
N SER A 3 1.95 -14.41 -3.83
CA SER A 3 3.37 -14.75 -3.88
C SER A 3 3.73 -15.74 -2.77
N SER A 4 3.54 -15.31 -1.53
CA SER A 4 3.85 -16.16 -0.38
C SER A 4 2.78 -16.02 0.71
N SER A 5 2.28 -17.16 1.18
CA SER A 5 1.25 -17.16 2.22
C SER A 5 1.81 -16.70 3.56
N ALA A 6 3.12 -16.79 3.71
CA ALA A 6 3.78 -16.38 4.95
C ALA A 6 4.11 -14.89 4.93
N LEU A 7 4.56 -14.40 3.78
CA LEU A 7 4.93 -13.00 3.63
C LEU A 7 3.70 -12.12 3.36
N ILE A 8 2.61 -12.75 2.95
CA ILE A 8 1.38 -12.02 2.64
C ILE A 8 0.98 -11.09 3.78
N GLY A 9 1.45 -11.39 4.99
CA GLY A 9 1.14 -10.57 6.14
C GLY A 9 2.02 -9.34 6.25
N LEU A 10 3.28 -9.49 5.87
CA LEU A 10 4.24 -8.39 5.92
C LEU A 10 4.04 -7.43 4.74
N LEU A 11 3.33 -7.90 3.72
CA LEU A 11 3.07 -7.08 2.53
C LEU A 11 1.89 -6.15 2.75
N VAL A 12 1.10 -6.42 3.78
CA VAL A 12 -0.06 -5.60 4.10
C VAL A 12 0.33 -4.14 4.29
N ILE A 13 1.51 -3.92 4.85
CA ILE A 13 2.00 -2.55 5.10
C ILE A 13 2.63 -1.96 3.85
N ALA A 14 3.30 -2.80 3.07
CA ALA A 14 3.95 -2.36 1.83
C ALA A 14 2.95 -1.76 0.86
N VAL A 15 1.78 -2.40 0.75
CA VAL A 15 0.74 -1.94 -0.15
C VAL A 15 -0.12 -0.86 0.50
N ALA A 16 -0.13 -0.85 1.84
CA ALA A 16 -0.91 0.13 2.58
C ALA A 16 -0.41 1.55 2.34
N ILE A 17 0.90 1.67 2.12
CA ILE A 17 1.51 2.98 1.88
C ILE A 17 1.28 3.43 0.44
N ALA A 18 0.99 2.46 -0.43
CA ALA A 18 0.74 2.75 -1.84
C ALA A 18 -0.72 3.16 -2.07
N THR A 19 -1.63 2.39 -1.49
CA THR A 19 -3.06 2.65 -1.64
C THR A 19 -3.45 3.98 -0.99
N VAL A 20 -2.85 4.29 0.15
CA VAL A 20 -3.15 5.52 0.87
C VAL A 20 -2.93 6.74 -0.03
N ILE A 21 -2.07 6.58 -1.03
CA ILE A 21 -1.77 7.67 -1.96
C ILE A 21 -2.94 7.92 -2.90
N VAL A 22 -3.46 6.84 -3.49
CA VAL A 22 -4.58 6.94 -4.41
C VAL A 22 -5.85 7.37 -3.68
N ILE A 23 -5.92 7.09 -2.39
CA ILE A 23 -7.08 7.45 -1.59
C ILE A 23 -7.00 8.91 -1.12
N SER A 24 -5.80 9.46 -1.15
CA SER A 24 -5.58 10.84 -0.72
C SER A 24 -6.47 11.81 -1.52
N LEU A 25 -6.86 11.38 -2.72
CA LEU A 25 -7.71 12.21 -3.57
C LEU A 25 -9.18 11.82 -3.44
N VAL A 26 -9.42 10.55 -3.09
CA VAL A 26 -10.78 10.05 -2.93
C VAL A 26 -11.48 10.76 -1.78
N MET A 27 -10.69 11.26 -0.83
CA MET A 27 -11.24 11.96 0.33
C MET A 27 -11.83 13.31 -0.09
N LEU A 28 -11.48 13.75 -1.30
CA LEU A 28 -11.97 15.02 -1.81
C LEU A 28 -13.20 14.83 -2.69
N ARG A 29 -13.14 13.86 -3.60
CA ARG A 29 -14.24 13.57 -4.50
C ARG A 29 -15.38 12.86 -3.76
N LYS A 30 -15.08 11.71 -3.18
CA LYS A 30 -16.06 10.93 -2.44
C LYS A 30 -17.28 10.59 -3.30
N ARG A 31 -17.29 9.38 -3.85
CA ARG A 31 -18.39 8.95 -4.70
C ARG A 31 -18.87 7.55 -4.27
N SER A 1 2.27 -19.80 2.23
CA SER A 1 3.37 -20.80 2.14
C SER A 1 3.86 -20.93 0.70
N LEU A 2 4.13 -19.80 0.06
CA LEU A 2 4.60 -19.79 -1.32
C LEU A 2 6.10 -20.07 -1.38
N SER A 3 6.88 -19.17 -0.80
CA SER A 3 8.34 -19.32 -0.79
C SER A 3 8.96 -18.62 0.41
N SER A 4 8.98 -17.29 0.37
CA SER A 4 9.55 -16.50 1.45
C SER A 4 8.45 -15.80 2.24
N SER A 5 8.14 -16.34 3.42
CA SER A 5 7.12 -15.78 4.29
C SER A 5 7.62 -14.54 5.01
N ALA A 6 8.94 -14.42 5.11
CA ALA A 6 9.56 -13.28 5.78
C ALA A 6 9.32 -11.99 4.99
N LEU A 7 9.27 -12.10 3.66
CA LEU A 7 9.05 -10.94 2.81
C LEU A 7 7.57 -10.57 2.76
N ILE A 8 6.72 -11.54 3.06
CA ILE A 8 5.27 -11.32 3.05
C ILE A 8 4.88 -10.23 4.05
N GLY A 9 5.60 -10.19 5.17
CA GLY A 9 5.32 -9.19 6.19
C GLY A 9 5.85 -7.82 5.83
N LEU A 10 6.93 -7.80 5.04
CA LEU A 10 7.54 -6.55 4.62
C LEU A 10 6.87 -6.02 3.35
N LEU A 11 6.14 -6.89 2.68
CA LEU A 11 5.44 -6.51 1.44
C LEU A 11 4.04 -5.98 1.73
N VAL A 12 3.36 -6.58 2.71
CA VAL A 12 2.02 -6.17 3.07
C VAL A 12 1.96 -4.69 3.43
N ILE A 13 3.06 -4.17 3.97
CA ILE A 13 3.14 -2.76 4.35
C ILE A 13 3.52 -1.89 3.16
N ALA A 14 4.23 -2.49 2.21
CA ALA A 14 4.67 -1.78 1.02
C ALA A 14 3.49 -1.21 0.25
N VAL A 15 2.45 -2.02 0.09
CA VAL A 15 1.25 -1.62 -0.62
C VAL A 15 0.37 -0.73 0.24
N ALA A 16 0.50 -0.85 1.55
CA ALA A 16 -0.28 -0.04 2.49
C ALA A 16 -0.01 1.44 2.29
N ILE A 17 1.20 1.75 1.85
CA ILE A 17 1.61 3.13 1.60
C ILE A 17 1.17 3.60 0.22
N ALA A 18 0.96 2.65 -0.69
CA ALA A 18 0.54 2.97 -2.05
C ALA A 18 -0.97 3.17 -2.14
N THR A 19 -1.70 2.52 -1.24
CA THR A 19 -3.17 2.62 -1.24
C THR A 19 -3.64 3.91 -0.57
N VAL A 20 -2.90 4.36 0.44
CA VAL A 20 -3.24 5.59 1.16
C VAL A 20 -3.23 6.79 0.22
N ILE A 21 -2.49 6.68 -0.88
CA ILE A 21 -2.38 7.75 -1.86
C ILE A 21 -3.64 7.89 -2.70
N VAL A 22 -4.03 6.80 -3.36
CA VAL A 22 -5.21 6.80 -4.21
C VAL A 22 -6.46 7.19 -3.44
N ILE A 23 -6.45 6.93 -2.13
CA ILE A 23 -7.58 7.27 -1.29
C ILE A 23 -7.52 8.73 -0.83
N SER A 24 -6.32 9.31 -0.89
CA SER A 24 -6.13 10.69 -0.48
C SER A 24 -6.61 11.67 -1.57
N LEU A 25 -6.69 11.17 -2.80
CA LEU A 25 -7.13 12.00 -3.91
C LEU A 25 -8.65 12.00 -4.05
N VAL A 26 -9.24 10.81 -3.96
CA VAL A 26 -10.69 10.67 -4.06
C VAL A 26 -11.40 11.54 -3.02
N MET A 27 -10.67 11.88 -1.97
CA MET A 27 -11.21 12.71 -0.89
C MET A 27 -11.26 14.18 -1.29
N LEU A 28 -10.32 14.60 -2.14
CA LEU A 28 -10.24 15.98 -2.59
C LEU A 28 -11.56 16.42 -3.23
N ARG A 29 -12.08 15.61 -4.14
CA ARG A 29 -13.34 15.93 -4.82
C ARG A 29 -14.33 14.77 -4.72
N LYS A 30 -13.94 13.61 -5.26
CA LYS A 30 -14.80 12.43 -5.22
C LYS A 30 -14.08 11.22 -5.81
N ARG A 31 -13.77 11.29 -7.10
CA ARG A 31 -13.08 10.20 -7.78
C ARG A 31 -11.75 10.68 -8.36
N SER A 1 15.04 -20.32 -7.08
CA SER A 1 13.64 -19.83 -7.10
C SER A 1 13.17 -19.49 -5.69
N LEU A 2 14.07 -19.65 -4.71
CA LEU A 2 13.74 -19.36 -3.32
C LEU A 2 14.33 -18.02 -2.89
N SER A 3 13.58 -16.94 -3.12
CA SER A 3 14.02 -15.60 -2.75
C SER A 3 12.91 -14.84 -2.03
N SER A 4 13.22 -13.62 -1.61
CA SER A 4 12.26 -12.78 -0.90
C SER A 4 11.73 -13.50 0.34
N SER A 5 12.65 -13.91 1.21
CA SER A 5 12.28 -14.61 2.44
C SER A 5 11.71 -13.64 3.48
N ALA A 6 12.54 -12.67 3.89
CA ALA A 6 12.11 -11.67 4.86
C ALA A 6 11.41 -10.50 4.19
N LEU A 7 11.63 -10.37 2.88
CA LEU A 7 11.02 -9.30 2.10
C LEU A 7 9.49 -9.40 2.12
N ILE A 8 8.98 -10.58 2.45
CA ILE A 8 7.55 -10.81 2.51
C ILE A 8 6.83 -9.73 3.33
N GLY A 9 7.37 -9.45 4.51
CA GLY A 9 6.78 -8.45 5.38
C GLY A 9 6.85 -7.06 4.77
N LEU A 10 7.89 -6.81 3.99
CA LEU A 10 8.08 -5.52 3.35
C LEU A 10 7.02 -5.27 2.27
N LEU A 11 6.55 -6.35 1.64
CA LEU A 11 5.54 -6.25 0.60
C LEU A 11 4.23 -5.70 1.16
N VAL A 12 3.98 -5.96 2.44
CA VAL A 12 2.77 -5.48 3.09
C VAL A 12 2.78 -3.97 3.26
N ILE A 13 3.97 -3.43 3.53
CA ILE A 13 4.14 -1.99 3.71
C ILE A 13 4.24 -1.28 2.37
N ALA A 14 4.67 -2.00 1.35
CA ALA A 14 4.81 -1.44 0.01
C ALA A 14 3.47 -1.04 -0.58
N VAL A 15 2.47 -1.89 -0.37
CA VAL A 15 1.13 -1.62 -0.88
C VAL A 15 0.33 -0.75 0.08
N ALA A 16 0.58 -0.92 1.37
CA ALA A 16 -0.12 -0.14 2.40
C ALA A 16 0.12 1.35 2.19
N ILE A 17 1.30 1.69 1.68
CA ILE A 17 1.68 3.07 1.43
C ILE A 17 1.16 3.53 0.07
N ALA A 18 0.88 2.56 -0.80
CA ALA A 18 0.38 2.85 -2.14
C ALA A 18 -1.12 3.08 -2.14
N THR A 19 -1.83 2.42 -1.23
CA THR A 19 -3.28 2.55 -1.14
C THR A 19 -3.70 3.84 -0.43
N VAL A 20 -2.86 4.30 0.49
CA VAL A 20 -3.14 5.52 1.24
C VAL A 20 -3.11 6.75 0.33
N ILE A 21 -2.40 6.64 -0.79
CA ILE A 21 -2.28 7.74 -1.73
C ILE A 21 -3.55 7.92 -2.56
N VAL A 22 -3.94 6.86 -3.27
CA VAL A 22 -5.13 6.90 -4.11
C VAL A 22 -6.36 7.36 -3.34
N ILE A 23 -6.37 7.09 -2.04
CA ILE A 23 -7.48 7.48 -1.19
C ILE A 23 -7.33 8.93 -0.71
N SER A 24 -6.09 9.38 -0.61
CA SER A 24 -5.81 10.74 -0.16
C SER A 24 -6.39 11.78 -1.12
N LEU A 25 -6.57 11.37 -2.37
CA LEU A 25 -7.11 12.28 -3.39
C LEU A 25 -8.64 12.27 -3.38
N VAL A 26 -9.22 11.13 -3.06
CA VAL A 26 -10.67 10.99 -3.01
C VAL A 26 -11.27 11.96 -1.99
N MET A 27 -10.45 12.39 -1.04
CA MET A 27 -10.89 13.32 0.00
C MET A 27 -11.00 14.74 -0.55
N LEU A 28 -10.13 15.07 -1.50
CA LEU A 28 -10.12 16.40 -2.11
C LEU A 28 -11.12 16.48 -3.26
N ARG A 29 -11.50 15.32 -3.80
CA ARG A 29 -12.44 15.27 -4.91
C ARG A 29 -13.82 15.76 -4.47
N LYS A 30 -14.07 15.70 -3.17
CA LYS A 30 -15.34 16.13 -2.62
C LYS A 30 -15.45 17.66 -2.61
N ARG A 31 -14.49 18.30 -1.93
CA ARG A 31 -14.46 19.75 -1.83
C ARG A 31 -13.13 20.30 -2.32
N SER A 1 16.55 -20.19 -0.68
CA SER A 1 15.10 -19.89 -0.49
C SER A 1 14.89 -18.98 0.71
N LEU A 2 15.70 -19.17 1.75
CA LEU A 2 15.61 -18.37 2.96
C LEU A 2 16.30 -17.03 2.77
N SER A 3 15.50 -15.96 2.72
CA SER A 3 16.03 -14.62 2.53
C SER A 3 15.76 -13.76 3.76
N SER A 4 16.15 -12.48 3.68
CA SER A 4 15.94 -11.55 4.79
C SER A 4 14.46 -11.32 5.02
N SER A 5 13.96 -11.82 6.16
CA SER A 5 12.56 -11.67 6.51
C SER A 5 12.19 -10.20 6.69
N ALA A 6 13.21 -9.38 6.93
CA ALA A 6 13.01 -7.95 7.12
C ALA A 6 12.40 -7.31 5.88
N LEU A 7 13.05 -7.51 4.73
CA LEU A 7 12.56 -6.94 3.47
C LEU A 7 11.18 -7.48 3.13
N ILE A 8 10.93 -8.75 3.45
CA ILE A 8 9.65 -9.37 3.17
C ILE A 8 8.54 -8.72 4.00
N GLY A 9 8.91 -8.22 5.17
CA GLY A 9 7.94 -7.58 6.05
C GLY A 9 7.69 -6.13 5.66
N LEU A 10 8.69 -5.52 5.04
CA LEU A 10 8.58 -4.12 4.61
C LEU A 10 7.94 -4.04 3.22
N LEU A 11 8.12 -5.09 2.42
CA LEU A 11 7.55 -5.13 1.08
C LEU A 11 6.03 -5.10 1.12
N VAL A 12 5.45 -5.76 2.13
CA VAL A 12 4.01 -5.80 2.27
C VAL A 12 3.46 -4.46 2.76
N ILE A 13 4.25 -3.76 3.55
CA ILE A 13 3.86 -2.47 4.10
C ILE A 13 4.11 -1.35 3.09
N ALA A 14 5.05 -1.59 2.18
CA ALA A 14 5.39 -0.62 1.16
C ALA A 14 4.20 -0.31 0.26
N VAL A 15 3.51 -1.36 -0.16
CA VAL A 15 2.35 -1.22 -1.02
C VAL A 15 1.11 -0.85 -0.20
N ALA A 16 1.11 -1.26 1.07
CA ALA A 16 -0.01 -0.97 1.97
C ALA A 16 -0.21 0.53 2.10
N ILE A 17 0.89 1.28 1.99
CA ILE A 17 0.83 2.73 2.08
C ILE A 17 0.49 3.35 0.73
N ALA A 18 0.92 2.68 -0.34
CA ALA A 18 0.68 3.16 -1.70
C ALA A 18 -0.82 3.34 -1.95
N THR A 19 -1.60 2.34 -1.57
CA THR A 19 -3.05 2.38 -1.75
C THR A 19 -3.66 3.56 -1.00
N VAL A 20 -3.02 3.95 0.09
CA VAL A 20 -3.50 5.06 0.90
C VAL A 20 -3.36 6.39 0.16
N ILE A 21 -2.32 6.47 -0.67
CA ILE A 21 -2.05 7.67 -1.45
C ILE A 21 -3.17 7.94 -2.44
N VAL A 22 -3.70 6.86 -3.02
CA VAL A 22 -4.79 6.96 -3.98
C VAL A 22 -6.06 7.47 -3.30
N ILE A 23 -6.11 7.32 -1.97
CA ILE A 23 -7.26 7.75 -1.20
C ILE A 23 -7.28 9.26 -1.03
N SER A 24 -6.09 9.87 -1.06
CA SER A 24 -5.96 11.31 -0.91
C SER A 24 -6.72 12.06 -2.00
N LEU A 25 -6.86 11.43 -3.16
CA LEU A 25 -7.56 12.04 -4.28
C LEU A 25 -9.05 11.72 -4.22
N VAL A 26 -9.40 10.61 -3.57
CA VAL A 26 -10.80 10.21 -3.45
C VAL A 26 -11.60 11.27 -2.69
N MET A 27 -10.94 11.95 -1.78
CA MET A 27 -11.59 13.00 -0.99
C MET A 27 -12.04 14.15 -1.87
N LEU A 28 -11.43 14.27 -3.04
CA LEU A 28 -11.77 15.33 -3.99
C LEU A 28 -12.75 14.84 -5.05
N ARG A 29 -13.02 13.54 -5.04
CA ARG A 29 -13.93 12.94 -6.01
C ARG A 29 -15.27 12.61 -5.37
N LYS A 30 -15.28 12.48 -4.04
CA LYS A 30 -16.50 12.16 -3.31
C LYS A 30 -17.40 13.38 -3.19
N ARG A 31 -18.64 13.15 -2.78
CA ARG A 31 -19.62 14.23 -2.62
C ARG A 31 -19.68 14.70 -1.16
N SER A 1 11.32 -23.26 4.29
CA SER A 1 10.11 -22.77 3.56
C SER A 1 10.51 -21.92 2.36
N LEU A 2 10.55 -22.54 1.19
CA LEU A 2 10.91 -21.84 -0.03
C LEU A 2 9.78 -20.93 -0.48
N SER A 3 8.56 -21.21 -0.02
CA SER A 3 7.39 -20.42 -0.38
C SER A 3 7.44 -19.05 0.28
N SER A 4 6.63 -18.13 -0.22
CA SER A 4 6.58 -16.77 0.32
C SER A 4 5.42 -16.63 1.31
N SER A 5 5.38 -17.50 2.31
CA SER A 5 4.32 -17.47 3.31
C SER A 5 4.58 -16.38 4.35
N ALA A 6 5.83 -16.28 4.80
CA ALA A 6 6.19 -15.28 5.80
C ALA A 6 6.56 -13.96 5.14
N LEU A 7 6.78 -13.99 3.83
CA LEU A 7 7.14 -12.79 3.07
C LEU A 7 5.92 -11.93 2.78
N ILE A 8 4.74 -12.54 2.78
CA ILE A 8 3.50 -11.81 2.50
C ILE A 8 3.27 -10.70 3.52
N GLY A 9 3.84 -10.87 4.72
CA GLY A 9 3.69 -9.87 5.76
C GLY A 9 4.43 -8.59 5.44
N LEU A 10 5.58 -8.71 4.80
CA LEU A 10 6.38 -7.55 4.44
C LEU A 10 5.94 -6.96 3.10
N LEU A 11 5.38 -7.81 2.25
CA LEU A 11 4.92 -7.39 0.93
C LEU A 11 3.61 -6.61 1.02
N VAL A 12 2.70 -7.07 1.88
CA VAL A 12 1.41 -6.42 2.04
C VAL A 12 1.57 -4.97 2.48
N ILE A 13 2.62 -4.70 3.26
CA ILE A 13 2.88 -3.36 3.76
C ILE A 13 3.33 -2.44 2.63
N ALA A 14 3.98 -3.01 1.62
CA ALA A 14 4.46 -2.25 0.47
C ALA A 14 3.32 -1.53 -0.23
N VAL A 15 2.27 -2.28 -0.57
CA VAL A 15 1.11 -1.71 -1.25
C VAL A 15 0.18 -1.02 -0.26
N ALA A 16 0.27 -1.41 1.00
CA ALA A 16 -0.57 -0.83 2.05
C ALA A 16 -0.32 0.67 2.17
N ILE A 17 0.90 1.09 1.89
CA ILE A 17 1.26 2.50 1.97
C ILE A 17 0.92 3.23 0.68
N ALA A 18 0.98 2.51 -0.43
CA ALA A 18 0.69 3.09 -1.74
C ALA A 18 -0.79 3.40 -1.90
N THR A 19 -1.65 2.50 -1.41
CA THR A 19 -3.08 2.68 -1.51
C THR A 19 -3.53 3.96 -0.78
N VAL A 20 -2.86 4.26 0.33
CA VAL A 20 -3.18 5.45 1.12
C VAL A 20 -3.12 6.71 0.26
N ILE A 21 -2.29 6.68 -0.76
CA ILE A 21 -2.13 7.82 -1.66
C ILE A 21 -3.35 7.97 -2.56
N VAL A 22 -3.84 6.84 -3.06
CA VAL A 22 -5.01 6.85 -3.94
C VAL A 22 -6.25 7.32 -3.21
N ILE A 23 -6.22 7.20 -1.88
CA ILE A 23 -7.35 7.62 -1.05
C ILE A 23 -7.35 9.14 -0.84
N SER A 24 -6.19 9.75 -1.06
CA SER A 24 -6.04 11.19 -0.89
C SER A 24 -6.78 11.97 -1.98
N LEU A 25 -7.04 11.31 -3.10
CA LEU A 25 -7.73 11.96 -4.22
C LEU A 25 -9.22 11.63 -4.24
N VAL A 26 -9.55 10.37 -3.96
CA VAL A 26 -10.95 9.93 -3.96
C VAL A 26 -11.81 10.79 -3.04
N MET A 27 -11.19 11.37 -2.01
CA MET A 27 -11.92 12.21 -1.06
C MET A 27 -12.43 13.47 -1.74
N LEU A 28 -11.71 13.93 -2.75
CA LEU A 28 -12.10 15.13 -3.48
C LEU A 28 -13.16 14.82 -4.53
N ARG A 29 -13.18 13.56 -4.96
CA ARG A 29 -14.15 13.12 -5.97
C ARG A 29 -15.36 12.47 -5.30
N LYS A 30 -15.32 12.34 -3.99
CA LYS A 30 -16.41 11.74 -3.23
C LYS A 30 -16.73 12.55 -1.99
N ARG A 31 -17.64 12.03 -1.16
CA ARG A 31 -18.04 12.70 0.07
C ARG A 31 -16.91 12.69 1.10
N SER A 1 15.90 -24.08 8.95
CA SER A 1 14.69 -23.40 8.42
C SER A 1 14.79 -21.89 8.61
N LEU A 2 16.00 -21.35 8.45
CA LEU A 2 16.22 -19.91 8.61
C LEU A 2 15.53 -19.13 7.50
N SER A 3 15.01 -17.96 7.85
CA SER A 3 14.31 -17.11 6.88
C SER A 3 14.34 -15.65 7.31
N SER A 4 14.08 -14.76 6.36
CA SER A 4 14.07 -13.33 6.64
C SER A 4 12.66 -12.84 6.96
N SER A 5 12.11 -13.34 8.06
CA SER A 5 10.76 -12.97 8.49
C SER A 5 10.72 -11.49 8.91
N ALA A 6 11.88 -10.95 9.24
CA ALA A 6 11.97 -9.56 9.67
C ALA A 6 11.74 -8.60 8.50
N LEU A 7 12.41 -8.86 7.38
CA LEU A 7 12.29 -8.03 6.19
C LEU A 7 10.85 -8.04 5.66
N ILE A 8 10.17 -9.16 5.83
CA ILE A 8 8.78 -9.29 5.37
C ILE A 8 7.89 -8.22 5.99
N GLY A 9 8.25 -7.80 7.19
CA GLY A 9 7.47 -6.79 7.88
C GLY A 9 7.60 -5.41 7.26
N LEU A 10 8.75 -5.15 6.63
CA LEU A 10 9.01 -3.87 5.99
C LEU A 10 8.47 -3.85 4.56
N LEU A 11 8.45 -5.02 3.91
CA LEU A 11 7.99 -5.14 2.54
C LEU A 11 6.47 -5.07 2.45
N VAL A 12 5.79 -5.33 3.57
CA VAL A 12 4.33 -5.30 3.60
C VAL A 12 3.81 -3.89 3.86
N ILE A 13 4.51 -3.14 4.69
CA ILE A 13 4.10 -1.78 5.01
C ILE A 13 4.32 -0.84 3.83
N ALA A 14 5.27 -1.18 2.97
CA ALA A 14 5.58 -0.38 1.80
C ALA A 14 4.34 -0.16 0.95
N VAL A 15 3.68 -1.25 0.57
CA VAL A 15 2.48 -1.18 -0.25
C VAL A 15 1.31 -0.59 0.53
N ALA A 16 1.33 -0.76 1.85
CA ALA A 16 0.27 -0.24 2.70
C ALA A 16 0.15 1.28 2.58
N ILE A 17 1.26 1.92 2.20
CA ILE A 17 1.28 3.37 2.03
C ILE A 17 0.80 3.79 0.66
N ALA A 18 1.01 2.92 -0.33
CA ALA A 18 0.61 3.20 -1.71
C ALA A 18 -0.91 3.26 -1.85
N THR A 19 -1.60 2.32 -1.21
CA THR A 19 -3.05 2.26 -1.27
C THR A 19 -3.70 3.53 -0.73
N VAL A 20 -2.95 4.26 0.10
CA VAL A 20 -3.45 5.50 0.69
C VAL A 20 -3.37 6.65 -0.30
N ILE A 21 -2.42 6.58 -1.22
CA ILE A 21 -2.23 7.62 -2.22
C ILE A 21 -3.52 7.86 -3.03
N VAL A 22 -4.01 6.80 -3.66
CA VAL A 22 -5.22 6.88 -4.46
C VAL A 22 -6.41 7.37 -3.64
N ILE A 23 -6.32 7.18 -2.32
CA ILE A 23 -7.39 7.60 -1.41
C ILE A 23 -7.24 9.07 -1.03
N SER A 24 -6.02 9.59 -1.14
CA SER A 24 -5.73 10.98 -0.80
C SER A 24 -6.53 11.94 -1.68
N LEU A 25 -6.94 11.47 -2.86
CA LEU A 25 -7.69 12.31 -3.78
C LEU A 25 -9.20 12.06 -3.65
N VAL A 26 -9.57 10.87 -3.19
CA VAL A 26 -10.97 10.53 -3.02
C VAL A 26 -11.68 11.56 -2.14
N MET A 27 -10.91 12.26 -1.31
CA MET A 27 -11.46 13.28 -0.42
C MET A 27 -11.61 14.62 -1.15
N LEU A 28 -10.59 14.98 -1.92
CA LEU A 28 -10.61 16.24 -2.66
C LEU A 28 -11.57 16.18 -3.83
N ARG A 29 -11.89 14.96 -4.27
CA ARG A 29 -12.81 14.77 -5.39
C ARG A 29 -14.26 14.84 -4.92
N LYS A 30 -14.57 14.07 -3.88
CA LYS A 30 -15.92 14.04 -3.32
C LYS A 30 -16.95 13.71 -4.39
N ARG A 31 -17.24 12.42 -4.56
CA ARG A 31 -18.21 11.99 -5.56
C ARG A 31 -18.87 10.68 -5.13
N SER A 1 11.78 -8.47 -5.05
CA SER A 1 10.46 -9.14 -4.90
C SER A 1 10.57 -10.64 -5.18
N LEU A 2 11.79 -11.08 -5.46
CA LEU A 2 12.04 -12.50 -5.75
C LEU A 2 12.87 -13.14 -4.64
N SER A 3 12.34 -14.20 -4.04
CA SER A 3 13.02 -14.91 -2.97
C SER A 3 13.31 -13.98 -1.80
N SER A 4 14.07 -14.48 -0.83
CA SER A 4 14.43 -13.70 0.36
C SER A 4 13.19 -13.25 1.13
N SER A 5 12.86 -13.99 2.19
CA SER A 5 11.70 -13.67 3.01
C SER A 5 11.86 -12.32 3.70
N ALA A 6 13.11 -11.89 3.86
CA ALA A 6 13.41 -10.62 4.50
C ALA A 6 12.79 -9.44 3.73
N LEU A 7 12.58 -9.65 2.43
CA LEU A 7 12.01 -8.61 1.58
C LEU A 7 10.49 -8.63 1.63
N ILE A 8 9.92 -9.77 2.02
CA ILE A 8 8.47 -9.92 2.09
C ILE A 8 7.86 -8.95 3.11
N GLY A 9 8.54 -8.80 4.25
CA GLY A 9 8.05 -7.91 5.28
C GLY A 9 8.14 -6.45 4.89
N LEU A 10 9.15 -6.11 4.09
CA LEU A 10 9.35 -4.73 3.65
C LEU A 10 8.54 -4.43 2.39
N LEU A 11 8.11 -5.49 1.71
CA LEU A 11 7.32 -5.33 0.49
C LEU A 11 5.83 -5.22 0.79
N VAL A 12 5.39 -5.92 1.83
CA VAL A 12 3.98 -5.89 2.22
C VAL A 12 3.58 -4.51 2.73
N ILE A 13 4.55 -3.76 3.24
CA ILE A 13 4.30 -2.43 3.76
C ILE A 13 4.40 -1.38 2.65
N ALA A 14 5.20 -1.70 1.63
CA ALA A 14 5.40 -0.81 0.50
C ALA A 14 4.08 -0.49 -0.19
N VAL A 15 3.25 -1.51 -0.35
CA VAL A 15 1.95 -1.36 -1.00
C VAL A 15 0.94 -0.69 -0.07
N ALA A 16 1.11 -0.88 1.23
CA ALA A 16 0.22 -0.29 2.22
C ALA A 16 0.24 1.23 2.13
N ILE A 17 1.38 1.77 1.73
CA ILE A 17 1.54 3.21 1.60
C ILE A 17 1.07 3.68 0.22
N ALA A 18 1.01 2.76 -0.73
CA ALA A 18 0.57 3.08 -2.09
C ALA A 18 -0.95 3.13 -2.18
N THR A 19 -1.62 2.38 -1.32
CA THR A 19 -3.08 2.33 -1.33
C THR A 19 -3.69 3.55 -0.63
N VAL A 20 -2.94 4.11 0.32
CA VAL A 20 -3.42 5.28 1.06
C VAL A 20 -3.40 6.52 0.17
N ILE A 21 -2.57 6.49 -0.87
CA ILE A 21 -2.47 7.62 -1.79
C ILE A 21 -3.73 7.71 -2.66
N VAL A 22 -4.18 6.57 -3.16
CA VAL A 22 -5.37 6.53 -4.00
C VAL A 22 -6.57 7.09 -3.25
N ILE A 23 -6.50 7.06 -1.92
CA ILE A 23 -7.58 7.57 -1.08
C ILE A 23 -7.45 9.08 -0.86
N SER A 24 -6.23 9.53 -0.61
CA SER A 24 -5.97 10.94 -0.37
C SER A 24 -6.44 11.80 -1.55
N LEU A 25 -6.35 11.23 -2.75
CA LEU A 25 -6.75 11.94 -3.96
C LEU A 25 -8.27 12.14 -3.98
N VAL A 26 -9.01 11.12 -3.57
CA VAL A 26 -10.47 11.18 -3.54
C VAL A 26 -10.95 12.37 -2.72
N MET A 27 -10.09 12.83 -1.82
CA MET A 27 -10.41 13.97 -0.95
C MET A 27 -10.33 15.28 -1.73
N LEU A 28 -9.38 15.36 -2.66
CA LEU A 28 -9.19 16.55 -3.46
C LEU A 28 -10.45 16.89 -4.26
N ARG A 29 -10.99 15.89 -4.94
CA ARG A 29 -12.20 16.09 -5.75
C ARG A 29 -13.46 15.90 -4.90
N LYS A 30 -13.61 14.72 -4.32
CA LYS A 30 -14.77 14.41 -3.49
C LYS A 30 -16.07 14.78 -4.20
N ARG A 31 -16.46 13.96 -5.16
CA ARG A 31 -17.68 14.20 -5.93
C ARG A 31 -18.57 12.96 -5.94
N SER A 1 21.66 -9.97 8.53
CA SER A 1 20.29 -10.22 7.99
C SER A 1 20.23 -11.58 7.31
N LEU A 2 20.09 -12.63 8.10
CA LEU A 2 20.01 -13.99 7.58
C LEU A 2 18.55 -14.38 7.32
N SER A 3 17.63 -13.61 7.89
CA SER A 3 16.20 -13.86 7.74
C SER A 3 15.73 -13.44 6.35
N SER A 4 15.18 -14.39 5.60
CA SER A 4 14.68 -14.12 4.26
C SER A 4 13.15 -14.07 4.26
N SER A 5 12.54 -14.75 5.22
CA SER A 5 11.09 -14.78 5.33
C SER A 5 10.56 -13.52 6.00
N ALA A 6 11.44 -12.84 6.73
CA ALA A 6 11.08 -11.61 7.42
C ALA A 6 10.96 -10.44 6.44
N LEU A 7 11.60 -10.58 5.29
CA LEU A 7 11.58 -9.54 4.27
C LEU A 7 10.17 -9.29 3.77
N ILE A 8 9.31 -10.29 3.93
CA ILE A 8 7.92 -10.18 3.49
C ILE A 8 7.18 -9.09 4.27
N GLY A 9 7.52 -8.95 5.54
CA GLY A 9 6.88 -7.95 6.37
C GLY A 9 7.32 -6.54 6.04
N LEU A 10 8.46 -6.42 5.35
CA LEU A 10 9.00 -5.13 4.96
C LEU A 10 8.40 -4.66 3.63
N LEU A 11 8.29 -5.58 2.68
CA LEU A 11 7.75 -5.26 1.36
C LEU A 11 6.25 -5.00 1.42
N VAL A 12 5.56 -5.71 2.30
CA VAL A 12 4.11 -5.56 2.44
C VAL A 12 3.74 -4.14 2.85
N ILE A 13 4.64 -3.47 3.56
CA ILE A 13 4.40 -2.10 4.02
C ILE A 13 4.50 -1.11 2.85
N ALA A 14 5.27 -1.49 1.83
CA ALA A 14 5.45 -0.65 0.66
C ALA A 14 4.12 -0.38 -0.04
N VAL A 15 3.32 -1.43 -0.21
CA VAL A 15 2.03 -1.32 -0.86
C VAL A 15 0.97 -0.79 0.10
N ALA A 16 1.19 -0.99 1.39
CA ALA A 16 0.25 -0.53 2.41
C ALA A 16 0.08 0.99 2.37
N ILE A 17 1.16 1.68 1.98
CA ILE A 17 1.14 3.13 1.89
C ILE A 17 0.61 3.59 0.54
N ALA A 18 0.92 2.84 -0.51
CA ALA A 18 0.49 3.17 -1.86
C ALA A 18 -1.03 3.31 -1.94
N THR A 19 -1.74 2.39 -1.30
CA THR A 19 -3.20 2.40 -1.31
C THR A 19 -3.75 3.64 -0.61
N VAL A 20 -2.95 4.22 0.27
CA VAL A 20 -3.37 5.41 1.02
C VAL A 20 -3.32 6.65 0.13
N ILE A 21 -2.51 6.60 -0.92
CA ILE A 21 -2.36 7.72 -1.84
C ILE A 21 -3.62 7.93 -2.68
N VAL A 22 -4.10 6.85 -3.30
CA VAL A 22 -5.29 6.92 -4.13
C VAL A 22 -6.51 7.36 -3.32
N ILE A 23 -6.48 7.09 -2.02
CA ILE A 23 -7.58 7.46 -1.14
C ILE A 23 -7.47 8.92 -0.71
N SER A 24 -6.27 9.47 -0.84
CA SER A 24 -6.03 10.86 -0.47
C SER A 24 -6.47 11.82 -1.57
N LEU A 25 -6.57 11.31 -2.80
CA LEU A 25 -6.97 12.12 -3.93
C LEU A 25 -8.49 12.12 -4.10
N VAL A 26 -9.10 10.95 -3.92
CA VAL A 26 -10.55 10.83 -4.06
C VAL A 26 -11.29 11.80 -3.14
N MET A 27 -10.63 12.21 -2.07
CA MET A 27 -11.22 13.15 -1.12
C MET A 27 -11.47 14.50 -1.78
N LEU A 28 -10.55 14.90 -2.67
CA LEU A 28 -10.67 16.16 -3.39
C LEU A 28 -11.92 16.16 -4.27
N ARG A 29 -12.31 14.98 -4.74
CA ARG A 29 -13.49 14.85 -5.58
C ARG A 29 -14.75 15.02 -4.76
N LYS A 30 -14.80 14.36 -3.61
CA LYS A 30 -15.96 14.43 -2.72
C LYS A 30 -15.82 15.62 -1.77
N ARG A 31 -16.23 16.79 -2.23
CA ARG A 31 -16.16 18.00 -1.42
C ARG A 31 -14.72 18.28 -0.98
N SER A 1 -2.86 -17.82 -3.03
CA SER A 1 -2.56 -16.41 -3.41
C SER A 1 -1.32 -16.35 -4.30
N LEU A 2 -1.47 -16.82 -5.54
CA LEU A 2 -0.36 -16.83 -6.49
C LEU A 2 0.81 -17.66 -5.98
N SER A 3 1.66 -17.05 -5.17
CA SER A 3 2.82 -17.74 -4.62
C SER A 3 3.43 -16.95 -3.46
N SER A 4 4.45 -17.54 -2.82
CA SER A 4 5.12 -16.89 -1.70
C SER A 4 4.15 -16.55 -0.59
N SER A 5 3.83 -17.53 0.26
CA SER A 5 2.91 -17.33 1.36
C SER A 5 3.62 -16.64 2.53
N ALA A 6 4.93 -16.76 2.57
CA ALA A 6 5.73 -16.15 3.64
C ALA A 6 6.08 -14.70 3.31
N LEU A 7 6.38 -14.44 2.04
CA LEU A 7 6.75 -13.09 1.60
C LEU A 7 5.54 -12.21 1.40
N ILE A 8 4.41 -12.81 1.03
CA ILE A 8 3.18 -12.06 0.80
C ILE A 8 2.81 -11.20 2.01
N GLY A 9 3.28 -11.62 3.19
CA GLY A 9 2.99 -10.88 4.40
C GLY A 9 3.74 -9.56 4.48
N LEU A 10 4.97 -9.54 3.98
CA LEU A 10 5.79 -8.34 4.00
C LEU A 10 5.31 -7.33 2.96
N LEU A 11 4.91 -7.83 1.80
CA LEU A 11 4.44 -6.98 0.72
C LEU A 11 3.16 -6.24 1.10
N VAL A 12 2.50 -6.70 2.16
CA VAL A 12 1.26 -6.08 2.63
C VAL A 12 1.48 -4.60 2.94
N ILE A 13 2.53 -4.32 3.71
CA ILE A 13 2.84 -2.95 4.10
C ILE A 13 3.33 -2.14 2.90
N ALA A 14 4.06 -2.81 2.00
CA ALA A 14 4.59 -2.15 0.81
C ALA A 14 3.47 -1.55 -0.03
N VAL A 15 2.37 -2.28 -0.15
CA VAL A 15 1.22 -1.83 -0.92
C VAL A 15 0.31 -0.96 -0.06
N ALA A 16 0.44 -1.10 1.25
CA ALA A 16 -0.37 -0.33 2.19
C ALA A 16 -0.05 1.16 2.09
N ILE A 17 1.19 1.47 1.72
CA ILE A 17 1.63 2.85 1.59
C ILE A 17 1.23 3.42 0.22
N ALA A 18 1.03 2.52 -0.74
CA ALA A 18 0.64 2.92 -2.09
C ALA A 18 -0.87 3.12 -2.19
N THR A 19 -1.61 2.35 -1.40
CA THR A 19 -3.07 2.44 -1.41
C THR A 19 -3.56 3.67 -0.67
N VAL A 20 -2.79 4.13 0.31
CA VAL A 20 -3.16 5.31 1.09
C VAL A 20 -3.05 6.57 0.25
N ILE A 21 -2.24 6.52 -0.80
CA ILE A 21 -2.04 7.66 -1.69
C ILE A 21 -3.29 7.97 -2.48
N VAL A 22 -3.78 6.97 -3.23
CA VAL A 22 -4.98 7.13 -4.04
C VAL A 22 -6.15 7.64 -3.21
N ILE A 23 -6.14 7.32 -1.91
CA ILE A 23 -7.21 7.75 -1.02
C ILE A 23 -7.21 9.27 -0.86
N SER A 24 -6.02 9.86 -0.87
CA SER A 24 -5.88 11.30 -0.73
C SER A 24 -6.61 12.03 -1.86
N LEU A 25 -6.84 11.33 -2.97
CA LEU A 25 -7.52 11.90 -4.11
C LEU A 25 -9.02 11.66 -4.03
N VAL A 26 -9.41 10.52 -3.44
CA VAL A 26 -10.81 10.17 -3.29
C VAL A 26 -11.54 11.26 -2.51
N MET A 27 -10.80 11.94 -1.65
CA MET A 27 -11.36 13.02 -0.83
C MET A 27 -11.62 14.26 -1.68
N LEU A 28 -10.71 14.53 -2.61
CA LEU A 28 -10.83 15.69 -3.49
C LEU A 28 -12.02 15.54 -4.43
N ARG A 29 -12.46 14.30 -4.63
CA ARG A 29 -13.60 14.03 -5.50
C ARG A 29 -14.83 14.80 -5.05
N LYS A 30 -15.14 14.69 -3.75
CA LYS A 30 -16.31 15.37 -3.20
C LYS A 30 -15.94 16.11 -1.91
N ARG A 31 -15.76 17.43 -2.02
CA ARG A 31 -15.41 18.25 -0.87
C ARG A 31 -15.70 19.72 -1.14
N SER A 1 16.22 -23.27 4.72
CA SER A 1 15.02 -22.54 5.20
C SER A 1 14.73 -21.32 4.33
N LEU A 2 13.88 -21.50 3.33
CA LEU A 2 13.51 -20.42 2.42
C LEU A 2 12.47 -19.49 3.06
N SER A 3 12.75 -18.20 3.03
CA SER A 3 11.83 -17.22 3.60
C SER A 3 10.83 -16.72 2.57
N SER A 4 9.56 -16.87 2.87
CA SER A 4 8.50 -16.44 1.97
C SER A 4 7.36 -15.77 2.72
N SER A 5 7.04 -16.31 3.90
CA SER A 5 5.98 -15.76 4.73
C SER A 5 6.45 -14.54 5.51
N ALA A 6 7.76 -14.42 5.68
CA ALA A 6 8.36 -13.32 6.42
C ALA A 6 8.40 -12.04 5.59
N LEU A 7 8.78 -12.17 4.33
CA LEU A 7 8.87 -11.00 3.44
C LEU A 7 7.50 -10.35 3.24
N ILE A 8 6.43 -11.12 3.45
CA ILE A 8 5.08 -10.60 3.29
C ILE A 8 4.83 -9.43 4.24
N GLY A 9 5.58 -9.41 5.35
CA GLY A 9 5.43 -8.34 6.32
C GLY A 9 5.87 -6.99 5.78
N LEU A 10 6.85 -7.02 4.88
CA LEU A 10 7.37 -5.80 4.27
C LEU A 10 6.54 -5.39 3.06
N LEU A 11 6.06 -6.39 2.31
CA LEU A 11 5.25 -6.14 1.12
C LEU A 11 3.86 -5.65 1.49
N VAL A 12 3.31 -6.17 2.58
CA VAL A 12 1.97 -5.78 3.02
C VAL A 12 1.94 -4.30 3.37
N ILE A 13 3.07 -3.77 3.82
CA ILE A 13 3.17 -2.36 4.18
C ILE A 13 3.59 -1.53 2.98
N ALA A 14 4.34 -2.15 2.07
CA ALA A 14 4.80 -1.49 0.86
C ALA A 14 3.62 -0.98 0.04
N VAL A 15 2.65 -1.86 -0.19
CA VAL A 15 1.46 -1.50 -0.96
C VAL A 15 0.49 -0.69 -0.10
N ALA A 16 0.59 -0.86 1.21
CA ALA A 16 -0.27 -0.14 2.14
C ALA A 16 -0.03 1.37 2.05
N ILE A 17 1.19 1.73 1.68
CA ILE A 17 1.56 3.14 1.54
C ILE A 17 1.16 3.67 0.17
N ALA A 18 1.00 2.76 -0.79
CA ALA A 18 0.61 3.15 -2.14
C ALA A 18 -0.90 3.32 -2.25
N THR A 19 -1.64 2.53 -1.48
CA THR A 19 -3.10 2.60 -1.49
C THR A 19 -3.61 3.83 -0.74
N VAL A 20 -2.93 4.19 0.35
CA VAL A 20 -3.32 5.35 1.14
C VAL A 20 -3.30 6.61 0.29
N ILE A 21 -2.46 6.61 -0.75
CA ILE A 21 -2.34 7.75 -1.65
C ILE A 21 -3.59 7.90 -2.50
N VAL A 22 -4.07 6.78 -3.03
CA VAL A 22 -5.28 6.79 -3.86
C VAL A 22 -6.49 7.23 -3.04
N ILE A 23 -6.39 7.07 -1.72
CA ILE A 23 -7.48 7.46 -0.83
C ILE A 23 -7.45 8.96 -0.55
N SER A 24 -6.27 9.55 -0.65
CA SER A 24 -6.10 10.98 -0.41
C SER A 24 -6.49 11.79 -1.64
N LEU A 25 -6.45 11.14 -2.80
CA LEU A 25 -6.79 11.80 -4.05
C LEU A 25 -8.29 11.78 -4.29
N VAL A 26 -8.94 10.66 -3.99
CA VAL A 26 -10.38 10.55 -4.18
C VAL A 26 -11.12 11.60 -3.38
N MET A 27 -10.49 12.09 -2.32
CA MET A 27 -11.08 13.13 -1.47
C MET A 27 -11.21 14.43 -2.26
N LEU A 28 -10.28 14.66 -3.18
CA LEU A 28 -10.29 15.86 -4.00
C LEU A 28 -11.17 15.66 -5.23
N ARG A 29 -11.52 14.41 -5.50
CA ARG A 29 -12.37 14.07 -6.63
C ARG A 29 -13.84 14.26 -6.28
N LYS A 30 -14.19 13.95 -5.04
CA LYS A 30 -15.57 14.07 -4.57
C LYS A 30 -15.86 15.51 -4.14
N ARG A 31 -16.52 16.26 -5.01
CA ARG A 31 -16.87 17.66 -4.71
C ARG A 31 -18.04 18.11 -5.56
N SER A 1 2.32 -24.36 -1.25
CA SER A 1 2.05 -22.93 -0.95
C SER A 1 3.29 -22.25 -0.36
N LEU A 2 4.44 -22.86 -0.58
CA LEU A 2 5.70 -22.31 -0.07
C LEU A 2 6.49 -21.64 -1.19
N SER A 3 6.43 -20.32 -1.23
CA SER A 3 7.15 -19.55 -2.25
C SER A 3 7.18 -18.07 -1.90
N SER A 4 8.40 -17.54 -1.72
CA SER A 4 8.59 -16.13 -1.38
C SER A 4 7.66 -15.70 -0.24
N SER A 5 7.54 -16.57 0.76
CA SER A 5 6.69 -16.28 1.91
C SER A 5 7.23 -15.10 2.71
N ALA A 6 8.52 -14.81 2.55
CA ALA A 6 9.16 -13.71 3.26
C ALA A 6 8.84 -12.38 2.61
N LEU A 7 8.89 -12.34 1.29
CA LEU A 7 8.60 -11.11 0.53
C LEU A 7 7.18 -10.62 0.82
N ILE A 8 6.28 -11.56 1.08
CA ILE A 8 4.89 -11.21 1.36
C ILE A 8 4.79 -10.23 2.52
N GLY A 9 5.61 -10.45 3.54
CA GLY A 9 5.60 -9.57 4.70
C GLY A 9 5.95 -8.14 4.36
N LEU A 10 6.78 -7.96 3.33
CA LEU A 10 7.19 -6.63 2.91
C LEU A 10 6.18 -6.03 1.94
N LEU A 11 5.50 -6.90 1.19
CA LEU A 11 4.49 -6.45 0.23
C LEU A 11 3.30 -5.79 0.92
N VAL A 12 3.03 -6.22 2.15
CA VAL A 12 1.91 -5.67 2.91
C VAL A 12 2.09 -4.18 3.14
N ILE A 13 3.17 -3.81 3.82
CA ILE A 13 3.46 -2.40 4.11
C ILE A 13 3.76 -1.63 2.83
N ALA A 14 4.28 -2.35 1.82
CA ALA A 14 4.62 -1.73 0.54
C ALA A 14 3.39 -1.12 -0.13
N VAL A 15 2.37 -1.95 -0.33
CA VAL A 15 1.14 -1.51 -0.96
C VAL A 15 0.28 -0.68 -0.01
N ALA A 16 0.48 -0.89 1.29
CA ALA A 16 -0.28 -0.16 2.31
C ALA A 16 -0.03 1.34 2.20
N ILE A 17 1.18 1.70 1.81
CA ILE A 17 1.56 3.11 1.67
C ILE A 17 1.17 3.64 0.30
N ALA A 18 1.02 2.73 -0.66
CA ALA A 18 0.64 3.11 -2.02
C ALA A 18 -0.87 3.27 -2.16
N THR A 19 -1.62 2.57 -1.33
CA THR A 19 -3.08 2.62 -1.37
C THR A 19 -3.61 3.86 -0.65
N VAL A 20 -2.91 4.29 0.40
CA VAL A 20 -3.33 5.45 1.17
C VAL A 20 -3.29 6.71 0.30
N ILE A 21 -2.49 6.67 -0.76
CA ILE A 21 -2.35 7.81 -1.67
C ILE A 21 -3.53 7.87 -2.64
N VAL A 22 -3.84 6.74 -3.26
CA VAL A 22 -4.94 6.67 -4.22
C VAL A 22 -6.25 7.14 -3.60
N ILE A 23 -6.37 6.98 -2.29
CA ILE A 23 -7.58 7.39 -1.59
C ILE A 23 -7.53 8.87 -1.22
N SER A 24 -6.33 9.38 -0.99
CA SER A 24 -6.14 10.78 -0.63
C SER A 24 -6.62 11.70 -1.74
N LEU A 25 -6.70 11.18 -2.96
CA LEU A 25 -7.14 11.96 -4.11
C LEU A 25 -8.67 11.97 -4.19
N VAL A 26 -9.28 10.85 -3.80
CA VAL A 26 -10.74 10.73 -3.83
C VAL A 26 -11.40 11.81 -2.99
N MET A 27 -10.70 12.27 -1.96
CA MET A 27 -11.22 13.30 -1.07
C MET A 27 -11.43 14.61 -1.82
N LEU A 28 -10.64 14.82 -2.88
CA LEU A 28 -10.74 16.03 -3.68
C LEU A 28 -11.82 15.88 -4.76
N ARG A 29 -12.33 14.65 -4.91
CA ARG A 29 -13.36 14.37 -5.89
C ARG A 29 -14.74 14.44 -5.25
N LYS A 30 -14.82 15.03 -4.06
CA LYS A 30 -16.08 15.15 -3.35
C LYS A 30 -16.70 13.79 -3.08
N ARG A 31 -17.91 13.79 -2.53
CA ARG A 31 -18.62 12.54 -2.23
C ARG A 31 -19.17 11.91 -3.51
N SER A 1 27.41 -10.88 -4.94
CA SER A 1 26.47 -11.56 -4.01
C SER A 1 25.82 -10.57 -3.04
N LEU A 2 24.81 -9.87 -3.53
CA LEU A 2 24.10 -8.88 -2.71
C LEU A 2 22.80 -9.48 -2.15
N SER A 3 22.91 -10.10 -0.98
CA SER A 3 21.77 -10.71 -0.33
C SER A 3 21.16 -9.78 0.72
N SER A 4 19.83 -9.74 0.77
CA SER A 4 19.12 -8.90 1.72
C SER A 4 17.63 -9.22 1.72
N SER A 5 17.25 -10.25 2.47
CA SER A 5 15.85 -10.68 2.56
C SER A 5 15.06 -9.79 3.51
N ALA A 6 15.77 -9.11 4.40
CA ALA A 6 15.12 -8.23 5.38
C ALA A 6 14.29 -7.15 4.71
N LEU A 7 14.59 -6.86 3.45
CA LEU A 7 13.87 -5.85 2.69
C LEU A 7 12.39 -6.20 2.56
N ILE A 8 12.06 -7.46 2.78
CA ILE A 8 10.68 -7.92 2.69
C ILE A 8 9.76 -7.07 3.56
N GLY A 9 10.29 -6.56 4.68
CA GLY A 9 9.51 -5.74 5.57
C GLY A 9 9.17 -4.40 4.97
N LEU A 10 10.03 -3.91 4.08
CA LEU A 10 9.83 -2.64 3.43
C LEU A 10 8.91 -2.79 2.21
N LEU A 11 8.87 -4.00 1.66
CA LEU A 11 8.04 -4.29 0.50
C LEU A 11 6.55 -4.30 0.86
N VAL A 12 6.24 -4.93 1.99
CA VAL A 12 4.85 -5.02 2.45
C VAL A 12 4.29 -3.64 2.77
N ILE A 13 5.16 -2.75 3.25
CA ILE A 13 4.75 -1.39 3.59
C ILE A 13 4.70 -0.51 2.34
N ALA A 14 5.46 -0.91 1.32
CA ALA A 14 5.51 -0.17 0.07
C ALA A 14 4.13 -0.10 -0.58
N VAL A 15 3.39 -1.21 -0.48
CA VAL A 15 2.05 -1.28 -1.05
C VAL A 15 1.02 -0.74 -0.07
N ALA A 16 1.27 -0.94 1.21
CA ALA A 16 0.36 -0.47 2.25
C ALA A 16 0.23 1.05 2.21
N ILE A 17 1.29 1.71 1.77
CA ILE A 17 1.29 3.16 1.65
C ILE A 17 0.71 3.60 0.31
N ALA A 18 0.85 2.73 -0.68
CA ALA A 18 0.34 3.01 -2.02
C ALA A 18 -1.17 3.17 -2.02
N THR A 19 -1.86 2.26 -1.33
CA THR A 19 -3.32 2.30 -1.25
C THR A 19 -3.80 3.59 -0.58
N VAL A 20 -2.94 4.20 0.22
CA VAL A 20 -3.28 5.43 0.92
C VAL A 20 -3.26 6.62 -0.04
N ILE A 21 -2.48 6.50 -1.10
CA ILE A 21 -2.36 7.56 -2.09
C ILE A 21 -3.67 7.76 -2.85
N VAL A 22 -4.18 6.69 -3.45
CA VAL A 22 -5.42 6.76 -4.20
C VAL A 22 -6.57 7.26 -3.33
N ILE A 23 -6.44 7.05 -2.02
CA ILE A 23 -7.47 7.49 -1.08
C ILE A 23 -7.25 8.95 -0.67
N SER A 24 -5.99 9.39 -0.70
CA SER A 24 -5.66 10.76 -0.34
C SER A 24 -6.10 11.74 -1.42
N LEU A 25 -6.29 11.24 -2.63
CA LEU A 25 -6.70 12.07 -3.76
C LEU A 25 -8.22 12.25 -3.78
N VAL A 26 -8.95 11.15 -3.58
CA VAL A 26 -10.40 11.21 -3.59
C VAL A 26 -10.91 12.13 -2.49
N MET A 27 -10.06 12.37 -1.49
CA MET A 27 -10.41 13.26 -0.38
C MET A 27 -10.38 14.72 -0.84
N LEU A 28 -9.58 14.99 -1.85
CA LEU A 28 -9.46 16.35 -2.39
C LEU A 28 -10.77 16.80 -3.02
N ARG A 29 -11.67 15.85 -3.24
CA ARG A 29 -12.98 16.15 -3.83
C ARG A 29 -13.81 16.97 -2.86
N LYS A 30 -13.41 16.98 -1.59
CA LYS A 30 -14.12 17.73 -0.56
C LYS A 30 -13.56 19.13 -0.43
N ARG A 31 -12.27 19.23 -0.12
CA ARG A 31 -11.62 20.52 0.04
C ARG A 31 -10.68 20.81 -1.13
N SER A 1 23.93 -10.95 0.38
CA SER A 1 22.76 -11.01 1.29
C SER A 1 22.41 -12.45 1.64
N LEU A 2 21.75 -12.64 2.78
CA LEU A 2 21.37 -13.97 3.22
C LEU A 2 19.84 -14.13 3.20
N SER A 3 19.20 -13.49 2.23
CA SER A 3 17.76 -13.55 2.07
C SER A 3 17.06 -13.09 3.36
N SER A 4 17.01 -11.78 3.54
CA SER A 4 16.36 -11.20 4.73
C SER A 4 14.86 -11.45 4.71
N SER A 5 14.37 -12.07 5.77
CA SER A 5 12.94 -12.37 5.89
C SER A 5 12.16 -11.14 6.32
N ALA A 6 12.86 -10.18 6.92
CA ALA A 6 12.23 -8.95 7.38
C ALA A 6 11.55 -8.20 6.24
N LEU A 7 12.08 -8.37 5.04
CA LEU A 7 11.52 -7.72 3.86
C LEU A 7 10.28 -8.45 3.37
N ILE A 8 10.21 -9.75 3.64
CA ILE A 8 9.07 -10.56 3.23
C ILE A 8 7.78 -10.03 3.85
N GLY A 9 7.79 -9.85 5.17
CA GLY A 9 6.61 -9.34 5.85
C GLY A 9 6.40 -7.87 5.60
N LEU A 10 7.49 -7.14 5.42
CA LEU A 10 7.43 -5.71 5.17
C LEU A 10 6.80 -5.42 3.81
N LEU A 11 6.98 -6.36 2.87
CA LEU A 11 6.43 -6.22 1.53
C LEU A 11 4.94 -5.92 1.57
N VAL A 12 4.22 -6.60 2.47
CA VAL A 12 2.78 -6.40 2.61
C VAL A 12 2.46 -4.97 3.03
N ILE A 13 3.31 -4.41 3.88
CA ILE A 13 3.12 -3.04 4.36
C ILE A 13 3.59 -2.03 3.31
N ALA A 14 4.49 -2.46 2.44
CA ALA A 14 5.03 -1.60 1.39
C ALA A 14 3.92 -1.11 0.46
N VAL A 15 3.00 -2.01 0.12
CA VAL A 15 1.90 -1.68 -0.76
C VAL A 15 0.80 -0.94 -0.02
N ALA A 16 0.74 -1.14 1.30
CA ALA A 16 -0.26 -0.48 2.12
C ALA A 16 -0.05 1.03 2.13
N ILE A 17 1.19 1.43 1.87
CA ILE A 17 1.56 2.85 1.84
C ILE A 17 1.23 3.45 0.47
N ALA A 18 1.11 2.60 -0.54
CA ALA A 18 0.79 3.05 -1.88
C ALA A 18 -0.72 3.23 -2.06
N THR A 19 -1.49 2.34 -1.44
CA THR A 19 -2.94 2.39 -1.55
C THR A 19 -3.51 3.58 -0.77
N VAL A 20 -2.84 3.97 0.30
CA VAL A 20 -3.30 5.09 1.12
C VAL A 20 -3.19 6.41 0.35
N ILE A 21 -2.31 6.44 -0.64
CA ILE A 21 -2.11 7.64 -1.45
C ILE A 21 -3.31 7.89 -2.35
N VAL A 22 -3.83 6.83 -2.94
CA VAL A 22 -5.00 6.94 -3.82
C VAL A 22 -6.21 7.46 -3.06
N ILE A 23 -6.17 7.32 -1.73
CA ILE A 23 -7.27 7.76 -0.89
C ILE A 23 -7.19 9.26 -0.63
N SER A 24 -6.01 9.83 -0.84
CA SER A 24 -5.79 11.25 -0.63
C SER A 24 -6.40 12.08 -1.76
N LEU A 25 -6.61 11.44 -2.91
CA LEU A 25 -7.17 12.12 -4.07
C LEU A 25 -8.64 12.49 -3.85
N VAL A 26 -9.45 11.53 -3.42
CA VAL A 26 -10.87 11.77 -3.17
C VAL A 26 -11.05 12.93 -2.20
N MET A 27 -10.00 13.21 -1.43
CA MET A 27 -10.03 14.29 -0.46
C MET A 27 -9.90 15.64 -1.16
N LEU A 28 -9.11 15.67 -2.23
CA LEU A 28 -8.89 16.88 -3.00
C LEU A 28 -10.16 17.31 -3.73
N ARG A 29 -11.06 16.35 -3.96
CA ARG A 29 -12.32 16.63 -4.64
C ARG A 29 -13.19 17.57 -3.82
N LYS A 30 -13.44 17.20 -2.57
CA LYS A 30 -14.27 18.00 -1.68
C LYS A 30 -15.69 18.12 -2.23
N ARG A 31 -16.03 17.23 -3.16
CA ARG A 31 -17.36 17.23 -3.76
C ARG A 31 -17.84 15.80 -4.00
N SER A 1 4.17 -18.30 -4.14
CA SER A 1 4.33 -17.87 -2.72
C SER A 1 3.82 -18.96 -1.77
N LEU A 2 4.49 -20.11 -1.79
CA LEU A 2 4.11 -21.22 -0.94
C LEU A 2 4.81 -21.14 0.42
N SER A 3 6.01 -20.56 0.42
CA SER A 3 6.79 -20.41 1.64
C SER A 3 7.41 -19.02 1.72
N SER A 4 6.61 -18.04 2.11
CA SER A 4 7.08 -16.66 2.23
C SER A 4 6.24 -15.88 3.23
N SER A 5 5.80 -16.57 4.28
CA SER A 5 4.99 -15.95 5.32
C SER A 5 5.75 -14.85 6.03
N ALA A 6 7.07 -14.89 5.95
CA ALA A 6 7.93 -13.89 6.58
C ALA A 6 7.98 -12.61 5.76
N LEU A 7 7.79 -12.74 4.45
CA LEU A 7 7.80 -11.58 3.56
C LEU A 7 6.47 -10.84 3.59
N ILE A 8 5.43 -11.52 4.06
CA ILE A 8 4.11 -10.92 4.16
C ILE A 8 4.10 -9.72 5.09
N GLY A 9 5.09 -9.67 5.99
CA GLY A 9 5.18 -8.57 6.94
C GLY A 9 5.57 -7.27 6.28
N LEU A 10 6.55 -7.32 5.37
CA LEU A 10 7.01 -6.13 4.68
C LEU A 10 6.14 -5.82 3.46
N LEU A 11 5.54 -6.85 2.88
CA LEU A 11 4.69 -6.68 1.71
C LEU A 11 3.37 -6.03 2.07
N VAL A 12 2.80 -6.42 3.20
CA VAL A 12 1.52 -5.87 3.65
C VAL A 12 1.63 -4.36 3.89
N ILE A 13 2.84 -3.90 4.19
CA ILE A 13 3.08 -2.49 4.43
C ILE A 13 3.46 -1.78 3.13
N ALA A 14 4.04 -2.53 2.21
CA ALA A 14 4.45 -1.98 0.92
C ALA A 14 3.27 -1.42 0.15
N VAL A 15 2.18 -2.18 0.12
CA VAL A 15 0.98 -1.77 -0.58
C VAL A 15 0.14 -0.81 0.25
N ALA A 16 0.22 -0.94 1.58
CA ALA A 16 -0.54 -0.09 2.48
C ALA A 16 -0.16 1.38 2.28
N ILE A 17 1.08 1.62 1.86
CA ILE A 17 1.57 2.97 1.62
C ILE A 17 1.21 3.45 0.22
N ALA A 18 0.95 2.50 -0.67
CA ALA A 18 0.59 2.83 -2.05
C ALA A 18 -0.89 3.14 -2.17
N THR A 19 -1.71 2.46 -1.37
CA THR A 19 -3.15 2.66 -1.39
C THR A 19 -3.54 3.95 -0.70
N VAL A 20 -2.87 4.28 0.41
CA VAL A 20 -3.16 5.49 1.15
C VAL A 20 -3.04 6.73 0.27
N ILE A 21 -2.26 6.61 -0.81
CA ILE A 21 -2.06 7.72 -1.73
C ILE A 21 -3.31 7.97 -2.58
N VAL A 22 -3.72 6.94 -3.33
CA VAL A 22 -4.90 7.05 -4.18
C VAL A 22 -6.15 7.40 -3.39
N ILE A 23 -6.17 7.00 -2.12
CA ILE A 23 -7.32 7.27 -1.25
C ILE A 23 -7.34 8.74 -0.81
N SER A 24 -6.19 9.38 -0.84
CA SER A 24 -6.07 10.78 -0.43
C SER A 24 -6.71 11.73 -1.45
N LEU A 25 -6.85 11.28 -2.69
CA LEU A 25 -7.42 12.11 -3.74
C LEU A 25 -8.91 11.81 -3.98
N VAL A 26 -9.28 10.53 -3.86
CA VAL A 26 -10.67 10.13 -4.08
C VAL A 26 -11.60 10.82 -3.10
N MET A 27 -11.07 11.20 -1.94
CA MET A 27 -11.86 11.88 -0.91
C MET A 27 -12.31 13.25 -1.38
N LEU A 28 -11.66 13.77 -2.42
CA LEU A 28 -12.00 15.09 -2.94
C LEU A 28 -13.13 14.99 -3.98
N ARG A 29 -13.31 13.80 -4.53
CA ARG A 29 -14.36 13.58 -5.53
C ARG A 29 -15.41 12.61 -5.01
N LYS A 30 -15.37 12.32 -3.71
CA LYS A 30 -16.32 11.41 -3.10
C LYS A 30 -17.11 12.11 -2.00
N ARG A 31 -18.43 11.93 -2.00
CA ARG A 31 -19.29 12.55 -1.01
C ARG A 31 -19.16 11.85 0.33
N SER A 1 -1.63 -21.37 -4.85
CA SER A 1 -1.02 -22.08 -3.69
C SER A 1 0.40 -21.57 -3.43
N LEU A 2 1.25 -21.66 -4.45
CA LEU A 2 2.63 -21.21 -4.34
C LEU A 2 3.12 -20.59 -5.64
N SER A 3 3.25 -19.27 -5.66
CA SER A 3 3.69 -18.56 -6.85
C SER A 3 4.34 -17.22 -6.47
N SER A 4 3.51 -16.26 -6.09
CA SER A 4 4.00 -14.94 -5.71
C SER A 4 3.79 -14.70 -4.22
N SER A 5 3.60 -15.78 -3.47
CA SER A 5 3.38 -15.70 -2.04
C SER A 5 4.65 -15.27 -1.31
N ALA A 6 5.80 -15.44 -1.98
CA ALA A 6 7.09 -15.08 -1.40
C ALA A 6 7.42 -13.60 -1.63
N LEU A 7 7.14 -13.11 -2.83
CA LEU A 7 7.43 -11.71 -3.16
C LEU A 7 6.39 -10.77 -2.58
N ILE A 8 5.18 -11.27 -2.36
CA ILE A 8 4.10 -10.46 -1.80
C ILE A 8 4.42 -10.02 -0.37
N GLY A 9 5.24 -10.82 0.30
CA GLY A 9 5.61 -10.51 1.67
C GLY A 9 6.37 -9.21 1.79
N LEU A 10 7.24 -8.95 0.82
CA LEU A 10 8.04 -7.73 0.80
C LEU A 10 7.28 -6.58 0.13
N LEU A 11 6.47 -6.92 -0.87
CA LEU A 11 5.71 -5.91 -1.61
C LEU A 11 4.46 -5.48 -0.86
N VAL A 12 4.05 -6.26 0.13
CA VAL A 12 2.85 -5.95 0.90
C VAL A 12 2.93 -4.55 1.52
N ILE A 13 4.13 -4.11 1.84
CA ILE A 13 4.33 -2.78 2.43
C ILE A 13 4.32 -1.70 1.36
N ALA A 14 4.86 -2.03 0.19
CA ALA A 14 4.92 -1.08 -0.92
C ALA A 14 3.52 -0.71 -1.40
N VAL A 15 2.62 -1.68 -1.38
CA VAL A 15 1.25 -1.44 -1.81
C VAL A 15 0.40 -0.90 -0.67
N ALA A 16 0.77 -1.24 0.56
CA ALA A 16 0.05 -0.78 1.74
C ALA A 16 0.17 0.74 1.86
N ILE A 17 1.29 1.27 1.39
CA ILE A 17 1.53 2.71 1.44
C ILE A 17 0.93 3.39 0.22
N ALA A 18 0.84 2.64 -0.87
CA ALA A 18 0.29 3.15 -2.12
C ALA A 18 -1.22 3.36 -2.02
N THR A 19 -1.90 2.42 -1.36
CA THR A 19 -3.35 2.51 -1.20
C THR A 19 -3.75 3.72 -0.38
N VAL A 20 -2.84 4.22 0.45
CA VAL A 20 -3.11 5.37 1.28
C VAL A 20 -3.12 6.66 0.46
N ILE A 21 -2.44 6.63 -0.68
CA ILE A 21 -2.35 7.78 -1.56
C ILE A 21 -3.60 7.93 -2.43
N VAL A 22 -4.03 6.82 -3.01
CA VAL A 22 -5.21 6.83 -3.88
C VAL A 22 -6.46 7.29 -3.12
N ILE A 23 -6.43 7.15 -1.79
CA ILE A 23 -7.55 7.55 -0.96
C ILE A 23 -7.52 9.06 -0.68
N SER A 24 -6.34 9.66 -0.80
CA SER A 24 -6.17 11.09 -0.55
C SER A 24 -6.62 11.92 -1.75
N LEU A 25 -6.66 11.29 -2.93
CA LEU A 25 -7.06 11.99 -4.14
C LEU A 25 -8.47 11.62 -4.57
N VAL A 26 -8.92 10.43 -4.17
CA VAL A 26 -10.26 9.96 -4.53
C VAL A 26 -11.34 10.85 -3.91
N MET A 27 -10.99 11.55 -2.84
CA MET A 27 -11.93 12.44 -2.15
C MET A 27 -12.26 13.63 -3.03
N LEU A 28 -11.48 13.85 -4.08
CA LEU A 28 -11.71 14.95 -5.00
C LEU A 28 -12.51 14.51 -6.21
N ARG A 29 -12.88 13.24 -6.24
CA ARG A 29 -13.66 12.69 -7.36
C ARG A 29 -15.11 12.47 -6.95
N LYS A 30 -15.32 12.01 -5.71
CA LYS A 30 -16.66 11.76 -5.21
C LYS A 30 -17.24 13.02 -4.55
N ARG A 31 -16.78 14.18 -5.00
CA ARG A 31 -17.25 15.45 -4.45
C ARG A 31 -16.87 16.61 -5.37
N SER A 1 16.06 -23.53 -2.54
CA SER A 1 15.77 -22.11 -2.24
C SER A 1 14.29 -21.81 -2.43
N LEU A 2 13.48 -22.20 -1.45
CA LEU A 2 12.04 -21.97 -1.51
C LEU A 2 11.60 -20.98 -0.44
N SER A 3 11.29 -19.76 -0.88
CA SER A 3 10.86 -18.71 0.05
C SER A 3 10.02 -17.67 -0.68
N SER A 4 8.77 -17.52 -0.25
CA SER A 4 7.86 -16.55 -0.86
C SER A 4 6.68 -16.25 0.07
N SER A 5 6.50 -17.09 1.08
CA SER A 5 5.41 -16.91 2.04
C SER A 5 5.76 -15.84 3.07
N ALA A 6 7.04 -15.75 3.42
CA ALA A 6 7.51 -14.77 4.39
C ALA A 6 7.55 -13.37 3.78
N LEU A 7 7.59 -13.31 2.46
CA LEU A 7 7.64 -12.03 1.76
C LEU A 7 6.25 -11.39 1.70
N ILE A 8 5.22 -12.21 1.87
CA ILE A 8 3.85 -11.72 1.85
C ILE A 8 3.59 -10.76 3.00
N GLY A 9 4.38 -10.88 4.06
CA GLY A 9 4.23 -10.02 5.21
C GLY A 9 4.79 -8.62 4.98
N LEU A 10 5.93 -8.54 4.29
CA LEU A 10 6.56 -7.26 4.00
C LEU A 10 5.99 -6.64 2.73
N LEU A 11 5.30 -7.46 1.94
CA LEU A 11 4.71 -6.99 0.69
C LEU A 11 3.36 -6.32 0.93
N VAL A 12 2.57 -6.90 1.84
CA VAL A 12 1.26 -6.35 2.16
C VAL A 12 1.37 -4.92 2.67
N ILE A 13 2.48 -4.63 3.34
CA ILE A 13 2.71 -3.29 3.89
C ILE A 13 3.18 -2.34 2.79
N ALA A 14 3.86 -2.89 1.79
CA ALA A 14 4.35 -2.09 0.67
C ALA A 14 3.22 -1.38 -0.04
N VAL A 15 2.17 -2.14 -0.36
CA VAL A 15 1.01 -1.59 -1.04
C VAL A 15 0.15 -0.78 -0.08
N ALA A 16 0.30 -1.04 1.21
CA ALA A 16 -0.45 -0.33 2.23
C ALA A 16 -0.14 1.17 2.20
N ILE A 17 1.10 1.50 1.85
CA ILE A 17 1.52 2.89 1.77
C ILE A 17 1.19 3.49 0.41
N ALA A 18 1.04 2.62 -0.60
CA ALA A 18 0.72 3.07 -1.94
C ALA A 18 -0.78 3.27 -2.12
N THR A 19 -1.56 2.57 -1.30
CA THR A 19 -3.03 2.68 -1.37
C THR A 19 -3.50 3.96 -0.69
N VAL A 20 -2.85 4.33 0.41
CA VAL A 20 -3.20 5.54 1.14
C VAL A 20 -3.07 6.76 0.24
N ILE A 21 -2.26 6.62 -0.81
CA ILE A 21 -2.04 7.71 -1.76
C ILE A 21 -3.31 7.98 -2.56
N VAL A 22 -3.83 6.94 -3.20
CA VAL A 22 -5.04 7.05 -4.00
C VAL A 22 -6.23 7.52 -3.16
N ILE A 23 -6.33 6.99 -1.94
CA ILE A 23 -7.42 7.36 -1.05
C ILE A 23 -7.38 8.84 -0.70
N SER A 24 -6.21 9.45 -0.88
CA SER A 24 -6.02 10.86 -0.58
C SER A 24 -6.54 11.75 -1.72
N LEU A 25 -6.64 11.17 -2.91
CA LEU A 25 -7.11 11.91 -4.07
C LEU A 25 -8.60 11.69 -4.32
N VAL A 26 -9.09 10.49 -3.99
CA VAL A 26 -10.50 10.17 -4.20
C VAL A 26 -11.40 11.11 -3.40
N MET A 27 -10.86 11.69 -2.34
CA MET A 27 -11.60 12.62 -1.51
C MET A 27 -11.91 13.91 -2.26
N LEU A 28 -11.04 14.26 -3.20
CA LEU A 28 -11.21 15.47 -3.99
C LEU A 28 -12.09 15.17 -5.22
N ARG A 29 -12.37 13.90 -5.45
CA ARG A 29 -13.19 13.49 -6.58
C ARG A 29 -14.67 13.42 -6.19
N LYS A 30 -14.92 13.41 -4.87
CA LYS A 30 -16.28 13.35 -4.35
C LYS A 30 -16.99 12.08 -4.79
N ARG A 31 -16.20 11.10 -5.23
CA ARG A 31 -16.73 9.82 -5.68
C ARG A 31 -17.21 8.98 -4.51
N SER A 1 19.29 -15.40 9.50
CA SER A 1 20.34 -15.28 8.44
C SER A 1 19.78 -15.68 7.08
N LEU A 2 18.51 -15.37 6.86
CA LEU A 2 17.86 -15.69 5.59
C LEU A 2 17.35 -14.43 4.90
N SER A 3 16.76 -14.60 3.72
CA SER A 3 16.23 -13.47 2.96
C SER A 3 14.94 -13.84 2.25
N SER A 4 13.86 -13.96 3.02
CA SER A 4 12.56 -14.30 2.46
C SER A 4 11.43 -13.80 3.36
N SER A 5 11.43 -14.25 4.61
CA SER A 5 10.40 -13.85 5.57
C SER A 5 10.63 -12.42 6.03
N ALA A 6 11.86 -11.94 5.89
CA ALA A 6 12.20 -10.58 6.29
C ALA A 6 11.89 -9.58 5.19
N LEU A 7 11.70 -10.08 3.97
CA LEU A 7 11.39 -9.23 2.83
C LEU A 7 9.89 -8.97 2.73
N ILE A 8 9.09 -10.00 3.00
CA ILE A 8 7.64 -9.89 2.95
C ILE A 8 7.11 -8.95 4.02
N GLY A 9 7.88 -8.80 5.10
CA GLY A 9 7.46 -7.95 6.20
C GLY A 9 7.57 -6.47 5.86
N LEU A 10 8.66 -6.10 5.18
CA LEU A 10 8.87 -4.71 4.79
C LEU A 10 8.18 -4.38 3.48
N LEU A 11 8.16 -5.35 2.56
CA LEU A 11 7.54 -5.15 1.25
C LEU A 11 6.05 -4.87 1.37
N VAL A 12 5.37 -5.62 2.25
CA VAL A 12 3.94 -5.44 2.45
C VAL A 12 3.60 -4.02 2.89
N ILE A 13 4.57 -3.36 3.53
CA ILE A 13 4.38 -1.99 4.00
C ILE A 13 4.55 -1.00 2.84
N ALA A 14 5.45 -1.31 1.93
CA ALA A 14 5.70 -0.46 0.77
C ALA A 14 4.44 -0.27 -0.07
N VAL A 15 3.67 -1.34 -0.19
CA VAL A 15 2.43 -1.31 -0.96
C VAL A 15 1.27 -0.82 -0.10
N ALA A 16 1.38 -1.02 1.21
CA ALA A 16 0.34 -0.60 2.14
C ALA A 16 0.19 0.92 2.13
N ILE A 17 1.27 1.62 1.80
CA ILE A 17 1.25 3.07 1.76
C ILE A 17 0.77 3.56 0.39
N ALA A 18 0.97 2.73 -0.62
CA ALA A 18 0.57 3.08 -1.99
C ALA A 18 -0.95 3.11 -2.12
N THR A 19 -1.62 2.15 -1.48
CA THR A 19 -3.07 2.07 -1.53
C THR A 19 -3.70 3.32 -0.90
N VAL A 20 -2.94 3.99 -0.05
CA VAL A 20 -3.41 5.18 0.62
C VAL A 20 -3.35 6.39 -0.32
N ILE A 21 -2.41 6.34 -1.26
CA ILE A 21 -2.24 7.43 -2.23
C ILE A 21 -3.54 7.67 -3.00
N VAL A 22 -4.14 6.59 -3.48
CA VAL A 22 -5.39 6.67 -4.23
C VAL A 22 -6.51 7.24 -3.36
N ILE A 23 -6.39 7.05 -2.05
CA ILE A 23 -7.38 7.54 -1.10
C ILE A 23 -7.13 9.01 -0.77
N SER A 24 -5.91 9.47 -1.01
CA SER A 24 -5.54 10.86 -0.72
C SER A 24 -6.07 11.80 -1.80
N LEU A 25 -6.36 11.25 -2.98
CA LEU A 25 -6.87 12.06 -4.08
C LEU A 25 -8.39 12.01 -4.17
N VAL A 26 -8.95 10.82 -3.95
CA VAL A 26 -10.40 10.65 -3.99
C VAL A 26 -11.10 11.62 -3.04
N MET A 27 -10.36 12.06 -2.02
CA MET A 27 -10.89 12.99 -1.04
C MET A 27 -10.96 14.42 -1.60
N LEU A 28 -9.95 14.78 -2.38
CA LEU A 28 -9.90 16.11 -2.98
C LEU A 28 -10.94 16.27 -4.07
N ARG A 29 -11.60 15.17 -4.44
CA ARG A 29 -12.62 15.20 -5.47
C ARG A 29 -14.01 15.38 -4.85
N LYS A 30 -14.05 15.62 -3.55
CA LYS A 30 -15.29 15.82 -2.82
C LYS A 30 -16.29 14.71 -3.14
N ARG A 31 -16.19 13.61 -2.41
CA ARG A 31 -17.08 12.47 -2.61
C ARG A 31 -18.30 12.58 -1.71
N SER A 1 28.06 -10.84 -0.80
CA SER A 1 26.73 -11.41 -1.17
C SER A 1 25.66 -10.34 -1.16
N LEU A 2 25.63 -9.56 -0.08
CA LEU A 2 24.65 -8.48 0.07
C LEU A 2 23.23 -9.01 -0.02
N SER A 3 22.66 -9.37 1.13
CA SER A 3 21.30 -9.89 1.19
C SER A 3 20.53 -9.31 2.37
N SER A 4 19.21 -9.41 2.31
CA SER A 4 18.35 -8.90 3.38
C SER A 4 16.99 -9.58 3.37
N SER A 5 16.73 -10.35 4.42
CA SER A 5 15.46 -11.08 4.54
C SER A 5 14.35 -10.15 5.04
N ALA A 6 14.74 -9.05 5.66
CA ALA A 6 13.79 -8.08 6.19
C ALA A 6 13.02 -7.39 5.05
N LEU A 7 13.55 -7.49 3.84
CA LEU A 7 12.92 -6.86 2.68
C LEU A 7 11.55 -7.49 2.41
N ILE A 8 11.38 -8.73 2.83
CA ILE A 8 10.12 -9.45 2.64
C ILE A 8 8.98 -8.72 3.34
N GLY A 9 9.22 -8.31 4.58
CA GLY A 9 8.20 -7.61 5.34
C GLY A 9 8.11 -6.14 4.99
N LEU A 10 9.07 -5.66 4.21
CA LEU A 10 9.11 -4.27 3.79
C LEU A 10 8.27 -4.07 2.53
N LEU A 11 8.26 -5.07 1.66
CA LEU A 11 7.51 -5.01 0.42
C LEU A 11 6.03 -4.76 0.68
N VAL A 12 5.46 -5.50 1.62
CA VAL A 12 4.04 -5.35 1.96
C VAL A 12 3.75 -3.92 2.43
N ILE A 13 4.76 -3.28 3.00
CA ILE A 13 4.61 -1.91 3.48
C ILE A 13 4.64 -0.92 2.32
N ALA A 14 5.38 -1.28 1.28
CA ALA A 14 5.49 -0.42 0.09
C ALA A 14 4.13 -0.14 -0.51
N VAL A 15 3.31 -1.19 -0.60
CA VAL A 15 1.97 -1.07 -1.16
C VAL A 15 0.99 -0.54 -0.13
N ALA A 16 1.32 -0.75 1.15
CA ALA A 16 0.47 -0.29 2.23
C ALA A 16 0.33 1.23 2.21
N ILE A 17 1.39 1.90 1.76
CA ILE A 17 1.39 3.35 1.66
C ILE A 17 0.78 3.81 0.33
N ALA A 18 1.01 3.02 -0.72
CA ALA A 18 0.50 3.34 -2.05
C ALA A 18 -1.03 3.37 -2.07
N THR A 19 -1.65 2.40 -1.40
CA THR A 19 -3.10 2.32 -1.35
C THR A 19 -3.70 3.53 -0.67
N VAL A 20 -2.90 4.21 0.14
CA VAL A 20 -3.36 5.40 0.87
C VAL A 20 -3.33 6.62 -0.04
N ILE A 21 -2.45 6.61 -1.03
CA ILE A 21 -2.31 7.72 -1.96
C ILE A 21 -3.57 7.88 -2.80
N VAL A 22 -4.03 6.79 -3.39
CA VAL A 22 -5.22 6.81 -4.23
C VAL A 22 -6.44 7.29 -3.44
N ILE A 23 -6.36 7.15 -2.11
CA ILE A 23 -7.44 7.56 -1.23
C ILE A 23 -7.36 9.06 -0.93
N SER A 24 -6.14 9.55 -0.73
CA SER A 24 -5.93 10.95 -0.43
C SER A 24 -6.36 11.84 -1.59
N LEU A 25 -6.32 11.28 -2.80
CA LEU A 25 -6.72 12.01 -3.99
C LEU A 25 -8.23 12.21 -4.03
N VAL A 26 -8.97 11.20 -3.59
CA VAL A 26 -10.42 11.28 -3.55
C VAL A 26 -10.88 12.42 -2.64
N MET A 27 -9.99 12.81 -1.73
CA MET A 27 -10.27 13.88 -0.79
C MET A 27 -10.13 15.24 -1.47
N LEU A 28 -9.23 15.32 -2.45
CA LEU A 28 -8.99 16.56 -3.18
C LEU A 28 -10.20 16.93 -4.03
N ARG A 29 -11.02 15.93 -4.37
CA ARG A 29 -12.21 16.16 -5.18
C ARG A 29 -13.16 17.12 -4.46
N LYS A 30 -13.17 17.06 -3.14
CA LYS A 30 -14.03 17.92 -2.34
C LYS A 30 -13.41 18.18 -0.96
N ARG A 31 -13.68 17.28 -0.02
CA ARG A 31 -13.14 17.40 1.33
C ARG A 31 -13.52 16.19 2.18
N SER A 1 17.40 -11.63 -10.04
CA SER A 1 17.49 -12.77 -9.09
C SER A 1 18.29 -12.40 -7.85
N LEU A 2 18.39 -11.10 -7.58
CA LEU A 2 19.13 -10.61 -6.43
C LEU A 2 18.20 -10.36 -5.25
N SER A 3 16.89 -10.45 -5.51
CA SER A 3 15.90 -10.22 -4.46
C SER A 3 15.55 -11.52 -3.76
N SER A 4 15.33 -11.44 -2.45
CA SER A 4 14.99 -12.61 -1.65
C SER A 4 13.80 -12.33 -0.75
N SER A 5 13.54 -13.23 0.20
CA SER A 5 12.42 -13.08 1.12
C SER A 5 12.67 -11.91 2.08
N ALA A 6 13.94 -11.55 2.24
CA ALA A 6 14.31 -10.47 3.14
C ALA A 6 13.80 -9.12 2.63
N LEU A 7 13.74 -8.97 1.31
CA LEU A 7 13.28 -7.72 0.71
C LEU A 7 11.74 -7.65 0.67
N ILE A 8 11.11 -8.81 0.77
CA ILE A 8 9.64 -8.87 0.75
C ILE A 8 9.04 -8.03 1.87
N GLY A 9 9.75 -7.93 2.99
CA GLY A 9 9.28 -7.15 4.11
C GLY A 9 9.46 -5.66 3.91
N LEU A 10 10.47 -5.29 3.15
CA LEU A 10 10.76 -3.88 2.88
C LEU A 10 9.96 -3.38 1.68
N LEU A 11 9.41 -4.32 0.90
CA LEU A 11 8.62 -3.97 -0.28
C LEU A 11 7.13 -3.91 0.04
N VAL A 12 6.68 -4.82 0.90
CA VAL A 12 5.27 -4.88 1.28
C VAL A 12 4.79 -3.56 1.86
N ILE A 13 5.72 -2.80 2.44
CA ILE A 13 5.38 -1.50 3.03
C ILE A 13 5.19 -0.44 1.95
N ALA A 14 5.93 -0.59 0.85
CA ALA A 14 5.85 0.35 -0.26
C ALA A 14 4.44 0.43 -0.81
N VAL A 15 3.75 -0.70 -0.86
CA VAL A 15 2.39 -0.76 -1.37
C VAL A 15 1.38 -0.41 -0.29
N ALA A 16 1.72 -0.73 0.95
CA ALA A 16 0.83 -0.45 2.08
C ALA A 16 0.51 1.04 2.16
N ILE A 17 1.47 1.87 1.74
CA ILE A 17 1.29 3.31 1.75
C ILE A 17 0.61 3.79 0.47
N ALA A 18 0.85 3.07 -0.63
CA ALA A 18 0.28 3.41 -1.92
C ALA A 18 -1.24 3.35 -1.90
N THR A 19 -1.79 2.36 -1.20
CA THR A 19 -3.23 2.20 -1.12
C THR A 19 -3.88 3.41 -0.43
N VAL A 20 -3.08 4.13 0.35
CA VAL A 20 -3.58 5.31 1.06
C VAL A 20 -3.59 6.52 0.14
N ILE A 21 -2.74 6.50 -0.89
CA ILE A 21 -2.64 7.60 -1.84
C ILE A 21 -3.94 7.75 -2.63
N VAL A 22 -4.49 6.62 -3.04
CA VAL A 22 -5.74 6.62 -3.81
C VAL A 22 -6.88 7.22 -3.01
N ILE A 23 -6.78 7.14 -1.69
CA ILE A 23 -7.81 7.68 -0.81
C ILE A 23 -7.62 9.18 -0.60
N SER A 24 -6.37 9.62 -0.67
CA SER A 24 -6.05 11.02 -0.48
C SER A 24 -6.28 11.82 -1.76
N LEU A 25 -6.28 11.13 -2.89
CA LEU A 25 -6.48 11.76 -4.19
C LEU A 25 -7.97 11.93 -4.50
N VAL A 26 -8.75 10.88 -4.22
CA VAL A 26 -10.19 10.93 -4.47
C VAL A 26 -10.85 12.10 -3.75
N MET A 27 -10.19 12.56 -2.70
CA MET A 27 -10.71 13.69 -1.92
C MET A 27 -10.55 15.00 -2.68
N LEU A 28 -9.51 15.06 -3.51
CA LEU A 28 -9.24 16.26 -4.30
C LEU A 28 -10.08 16.29 -5.57
N ARG A 29 -10.76 15.19 -5.85
CA ARG A 29 -11.60 15.10 -7.04
C ARG A 29 -12.84 15.98 -6.92
N LYS A 30 -13.09 16.46 -5.70
CA LYS A 30 -14.25 17.32 -5.46
C LYS A 30 -14.17 18.60 -6.28
N ARG A 31 -13.18 19.43 -5.94
CA ARG A 31 -12.97 20.70 -6.65
C ARG A 31 -14.23 21.55 -6.62
N SER A 1 5.47 -11.53 -3.45
CA SER A 1 4.12 -11.95 -2.97
C SER A 1 3.85 -13.41 -3.32
N LEU A 2 4.79 -14.03 -4.02
CA LEU A 2 4.66 -15.42 -4.41
C LEU A 2 5.99 -16.15 -4.26
N SER A 3 7.06 -15.51 -4.71
CA SER A 3 8.39 -16.11 -4.63
C SER A 3 9.02 -15.85 -3.25
N SER A 4 8.30 -15.08 -2.44
CA SER A 4 8.78 -14.74 -1.10
C SER A 4 7.64 -14.80 -0.08
N SER A 5 7.53 -15.95 0.59
CA SER A 5 6.48 -16.14 1.60
C SER A 5 6.86 -15.48 2.92
N ALA A 6 8.15 -15.27 3.12
CA ALA A 6 8.65 -14.65 4.35
C ALA A 6 8.63 -13.13 4.24
N LEU A 7 8.95 -12.62 3.06
CA LEU A 7 8.98 -11.18 2.82
C LEU A 7 7.58 -10.59 2.76
N ILE A 8 6.58 -11.45 2.56
CA ILE A 8 5.19 -11.01 2.47
C ILE A 8 4.84 -10.00 3.57
N GLY A 9 5.52 -10.12 4.70
CA GLY A 9 5.26 -9.21 5.81
C GLY A 9 5.68 -7.79 5.49
N LEU A 10 6.85 -7.63 4.88
CA LEU A 10 7.37 -6.32 4.51
C LEU A 10 6.77 -5.84 3.19
N LEU A 11 6.19 -6.77 2.43
CA LEU A 11 5.59 -6.46 1.15
C LEU A 11 4.18 -5.88 1.32
N VAL A 12 3.39 -6.53 2.17
CA VAL A 12 2.02 -6.08 2.41
C VAL A 12 1.99 -4.63 2.88
N ILE A 13 3.01 -4.22 3.63
CA ILE A 13 3.10 -2.85 4.12
C ILE A 13 3.54 -1.91 3.01
N ALA A 14 4.37 -2.42 2.11
CA ALA A 14 4.86 -1.64 0.98
C ALA A 14 3.71 -1.15 0.12
N VAL A 15 2.69 -2.00 -0.02
CA VAL A 15 1.52 -1.67 -0.82
C VAL A 15 0.51 -0.89 0.01
N ALA A 16 0.59 -1.04 1.33
CA ALA A 16 -0.31 -0.34 2.24
C ALA A 16 -0.12 1.16 2.17
N ILE A 17 1.10 1.58 1.85
CA ILE A 17 1.42 3.00 1.74
C ILE A 17 1.08 3.52 0.35
N ALA A 18 0.97 2.60 -0.60
CA ALA A 18 0.65 2.96 -1.98
C ALA A 18 -0.87 3.10 -2.17
N THR A 19 -1.63 2.42 -1.32
CA THR A 19 -3.09 2.46 -1.42
C THR A 19 -3.64 3.71 -0.74
N VAL A 20 -2.97 4.17 0.31
CA VAL A 20 -3.41 5.36 1.04
C VAL A 20 -3.31 6.60 0.17
N ILE A 21 -2.45 6.55 -0.85
CA ILE A 21 -2.27 7.67 -1.76
C ILE A 21 -3.45 7.80 -2.72
N VAL A 22 -3.86 6.68 -3.30
CA VAL A 22 -4.99 6.66 -4.23
C VAL A 22 -6.25 7.18 -3.58
N ILE A 23 -6.33 7.03 -2.25
CA ILE A 23 -7.49 7.49 -1.50
C ILE A 23 -7.35 8.96 -1.13
N SER A 24 -6.11 9.41 -0.98
CA SER A 24 -5.84 10.80 -0.63
C SER A 24 -6.35 11.76 -1.70
N LEU A 25 -6.48 11.25 -2.93
CA LEU A 25 -6.95 12.07 -4.04
C LEU A 25 -8.47 12.09 -4.11
N VAL A 26 -9.10 11.00 -3.67
CA VAL A 26 -10.55 10.90 -3.68
C VAL A 26 -11.18 11.99 -2.81
N MET A 27 -10.41 12.45 -1.82
CA MET A 27 -10.89 13.49 -0.91
C MET A 27 -10.99 14.84 -1.63
N LEU A 28 -10.17 15.02 -2.65
CA LEU A 28 -10.15 16.25 -3.42
C LEU A 28 -11.19 16.21 -4.54
N ARG A 29 -11.46 15.01 -5.04
CA ARG A 29 -12.43 14.84 -6.12
C ARG A 29 -13.84 15.09 -5.61
N LYS A 30 -14.21 14.42 -4.52
CA LYS A 30 -15.53 14.57 -3.94
C LYS A 30 -15.68 15.93 -3.25
N ARG A 31 -16.90 16.27 -2.88
CA ARG A 31 -17.18 17.53 -2.22
C ARG A 31 -17.11 17.37 -0.70
N SER A 1 -5.09 -21.26 -3.64
CA SER A 1 -4.60 -21.00 -5.01
C SER A 1 -3.08 -21.02 -5.07
N LEU A 2 -2.46 -20.10 -4.33
CA LEU A 2 -1.01 -20.00 -4.29
C LEU A 2 -0.51 -19.89 -2.85
N SER A 3 0.59 -20.58 -2.56
CA SER A 3 1.17 -20.57 -1.22
C SER A 3 2.08 -19.35 -1.04
N SER A 4 1.47 -18.18 -0.95
CA SER A 4 2.22 -16.93 -0.76
C SER A 4 1.78 -16.22 0.51
N SER A 5 1.51 -16.99 1.55
CA SER A 5 1.08 -16.43 2.83
C SER A 5 2.26 -15.88 3.61
N ALA A 6 3.45 -16.33 3.26
CA ALA A 6 4.67 -15.88 3.94
C ALA A 6 5.22 -14.60 3.31
N LEU A 7 5.03 -14.45 2.00
CA LEU A 7 5.53 -13.28 1.28
C LEU A 7 4.53 -12.12 1.32
N ILE A 8 3.27 -12.43 1.58
CA ILE A 8 2.23 -11.40 1.64
C ILE A 8 2.57 -10.35 2.68
N GLY A 9 3.32 -10.73 3.70
CA GLY A 9 3.70 -9.80 4.75
C GLY A 9 4.75 -8.80 4.29
N LEU A 10 5.55 -9.20 3.30
CA LEU A 10 6.59 -8.32 2.77
C LEU A 10 6.04 -7.42 1.67
N LEU A 11 4.95 -7.84 1.04
CA LEU A 11 4.34 -7.07 -0.05
C LEU A 11 3.16 -6.23 0.45
N VAL A 12 2.62 -6.59 1.61
CA VAL A 12 1.48 -5.86 2.16
C VAL A 12 1.83 -4.41 2.48
N ILE A 13 3.05 -4.19 2.95
CA ILE A 13 3.50 -2.84 3.29
C ILE A 13 3.75 -2.00 2.04
N ALA A 14 4.24 -2.66 0.99
CA ALA A 14 4.52 -1.97 -0.27
C ALA A 14 3.26 -1.36 -0.87
N VAL A 15 2.16 -2.12 -0.82
CA VAL A 15 0.90 -1.65 -1.36
C VAL A 15 0.13 -0.81 -0.34
N ALA A 16 0.43 -1.00 0.93
CA ALA A 16 -0.23 -0.26 2.00
C ALA A 16 0.10 1.23 1.91
N ILE A 17 1.31 1.52 1.44
CA ILE A 17 1.76 2.90 1.31
C ILE A 17 1.22 3.53 0.02
N ALA A 18 0.85 2.67 -0.92
CA ALA A 18 0.31 3.10 -2.20
C ALA A 18 -1.18 3.40 -2.11
N THR A 19 -1.90 2.55 -1.38
CA THR A 19 -3.35 2.70 -1.21
C THR A 19 -3.69 3.95 -0.39
N VAL A 20 -2.85 4.28 0.57
CA VAL A 20 -3.09 5.45 1.42
C VAL A 20 -3.09 6.73 0.59
N ILE A 21 -2.44 6.67 -0.58
CA ILE A 21 -2.36 7.82 -1.47
C ILE A 21 -3.60 7.98 -2.32
N VAL A 22 -4.01 6.89 -2.99
CA VAL A 22 -5.18 6.91 -3.85
C VAL A 22 -6.43 7.34 -3.09
N ILE A 23 -6.45 7.06 -1.79
CA ILE A 23 -7.58 7.42 -0.95
C ILE A 23 -7.60 8.93 -0.67
N SER A 24 -6.43 9.55 -0.75
CA SER A 24 -6.30 10.98 -0.50
C SER A 24 -6.69 11.79 -1.74
N LEU A 25 -6.65 11.16 -2.90
CA LEU A 25 -6.98 11.84 -4.15
C LEU A 25 -8.43 11.56 -4.57
N VAL A 26 -8.91 10.36 -4.29
CA VAL A 26 -10.27 9.99 -4.63
C VAL A 26 -11.28 10.95 -4.02
N MET A 27 -10.87 11.60 -2.93
CA MET A 27 -11.72 12.57 -2.24
C MET A 27 -11.78 13.88 -3.01
N LEU A 28 -10.63 14.32 -3.51
CA LEU A 28 -10.55 15.57 -4.26
C LEU A 28 -11.01 15.36 -5.71
N ARG A 29 -11.14 14.10 -6.11
CA ARG A 29 -11.56 13.77 -7.46
C ARG A 29 -13.08 13.80 -7.57
N LYS A 30 -13.74 12.99 -6.75
CA LYS A 30 -15.20 12.91 -6.75
C LYS A 30 -15.73 12.82 -5.33
N ARG A 31 -16.49 13.83 -4.92
CA ARG A 31 -17.05 13.87 -3.57
C ARG A 31 -15.95 13.80 -2.51
N SER A 1 -2.49 -12.87 -11.74
CA SER A 1 -1.10 -13.27 -12.08
C SER A 1 -0.09 -12.47 -11.26
N LEU A 2 -0.60 -11.55 -10.44
CA LEU A 2 0.26 -10.73 -9.59
C LEU A 2 0.19 -11.18 -8.15
N SER A 3 1.29 -11.00 -7.41
CA SER A 3 1.35 -11.39 -6.00
C SER A 3 1.06 -12.88 -5.83
N SER A 4 2.12 -13.68 -5.84
CA SER A 4 1.98 -15.13 -5.66
C SER A 4 1.78 -15.48 -4.19
N SER A 5 1.77 -16.77 -3.90
CA SER A 5 1.60 -17.23 -2.52
C SER A 5 2.73 -16.75 -1.63
N ALA A 6 3.94 -16.71 -2.17
CA ALA A 6 5.10 -16.26 -1.42
C ALA A 6 5.28 -14.74 -1.50
N LEU A 7 4.83 -14.17 -2.62
CA LEU A 7 4.94 -12.72 -2.84
C LEU A 7 3.83 -11.95 -2.13
N ILE A 8 2.76 -12.66 -1.78
CA ILE A 8 1.62 -12.03 -1.10
C ILE A 8 2.05 -11.25 0.14
N GLY A 9 3.10 -11.73 0.81
CA GLY A 9 3.59 -11.08 2.01
C GLY A 9 4.39 -9.83 1.72
N LEU A 10 4.93 -9.74 0.51
CA LEU A 10 5.74 -8.59 0.11
C LEU A 10 4.87 -7.46 -0.42
N LEU A 11 3.65 -7.81 -0.86
CA LEU A 11 2.72 -6.82 -1.39
C LEU A 11 1.88 -6.18 -0.28
N VAL A 12 1.88 -6.81 0.89
CA VAL A 12 1.11 -6.31 2.03
C VAL A 12 1.49 -4.86 2.35
N ILE A 13 2.75 -4.65 2.73
CA ILE A 13 3.23 -3.33 3.07
C ILE A 13 3.45 -2.48 1.82
N ALA A 14 3.76 -3.14 0.71
CA ALA A 14 4.00 -2.45 -0.55
C ALA A 14 2.77 -1.66 -1.01
N VAL A 15 1.61 -2.29 -0.91
CA VAL A 15 0.35 -1.66 -1.31
C VAL A 15 -0.23 -0.80 -0.19
N ALA A 16 0.15 -1.10 1.05
CA ALA A 16 -0.34 -0.35 2.20
C ALA A 16 -0.02 1.13 2.08
N ILE A 17 1.17 1.42 1.57
CA ILE A 17 1.62 2.81 1.40
C ILE A 17 1.14 3.37 0.06
N ALA A 18 0.83 2.48 -0.87
CA ALA A 18 0.37 2.90 -2.20
C ALA A 18 -1.13 3.20 -2.20
N THR A 19 -1.85 2.63 -1.25
CA THR A 19 -3.29 2.84 -1.15
C THR A 19 -3.62 4.13 -0.41
N VAL A 20 -2.85 4.42 0.62
CA VAL A 20 -3.06 5.63 1.42
C VAL A 20 -2.99 6.88 0.54
N ILE A 21 -2.34 6.75 -0.61
CA ILE A 21 -2.19 7.87 -1.54
C ILE A 21 -3.47 8.07 -2.37
N VAL A 22 -3.87 7.05 -3.11
CA VAL A 22 -5.06 7.11 -3.96
C VAL A 22 -6.30 7.48 -3.15
N ILE A 23 -6.36 7.02 -1.91
CA ILE A 23 -7.51 7.30 -1.05
C ILE A 23 -7.59 8.79 -0.71
N SER A 24 -6.46 9.47 -0.78
CA SER A 24 -6.40 10.89 -0.48
C SER A 24 -6.82 11.73 -1.68
N LEU A 25 -6.76 11.15 -2.87
CA LEU A 25 -7.13 11.86 -4.09
C LEU A 25 -8.59 11.62 -4.46
N VAL A 26 -9.08 10.41 -4.20
CA VAL A 26 -10.46 10.08 -4.50
C VAL A 26 -11.43 10.96 -3.73
N MET A 27 -10.94 11.54 -2.63
CA MET A 27 -11.75 12.41 -1.78
C MET A 27 -11.93 13.78 -2.44
N LEU A 28 -11.10 14.08 -3.42
CA LEU A 28 -11.16 15.35 -4.14
C LEU A 28 -12.03 15.25 -5.38
N ARG A 29 -11.84 14.18 -6.15
CA ARG A 29 -12.60 13.96 -7.38
C ARG A 29 -13.88 13.20 -7.09
N LYS A 30 -14.36 13.28 -5.85
CA LYS A 30 -15.58 12.59 -5.46
C LYS A 30 -16.78 13.10 -6.24
N ARG A 31 -17.48 12.18 -6.91
CA ARG A 31 -18.64 12.54 -7.70
C ARG A 31 -19.89 12.60 -6.83
N SER A 1 8.62 -6.10 -12.86
CA SER A 1 9.06 -6.97 -11.73
C SER A 1 10.09 -8.00 -12.19
N LEU A 2 9.65 -8.92 -13.03
CA LEU A 2 10.51 -9.97 -13.57
C LEU A 2 11.14 -10.79 -12.44
N SER A 3 10.51 -11.91 -12.10
CA SER A 3 11.00 -12.79 -11.05
C SER A 3 11.02 -12.06 -9.70
N SER A 4 10.03 -12.36 -8.86
CA SER A 4 9.93 -11.74 -7.54
C SER A 4 9.66 -12.79 -6.47
N SER A 5 10.71 -13.52 -6.09
CA SER A 5 10.60 -14.55 -5.07
C SER A 5 10.62 -13.96 -3.67
N ALA A 6 11.72 -13.29 -3.33
CA ALA A 6 11.88 -12.67 -2.03
C ALA A 6 11.29 -11.27 -2.02
N LEU A 7 11.05 -10.72 -3.21
CA LEU A 7 10.49 -9.38 -3.35
C LEU A 7 9.09 -9.31 -2.75
N ILE A 8 8.47 -10.46 -2.55
CA ILE A 8 7.14 -10.55 -1.98
C ILE A 8 7.03 -9.77 -0.67
N GLY A 9 8.16 -9.66 0.03
CA GLY A 9 8.18 -8.96 1.30
C GLY A 9 8.27 -7.45 1.13
N LEU A 10 8.87 -7.03 0.02
CA LEU A 10 9.02 -5.60 -0.27
C LEU A 10 7.79 -5.04 -0.96
N LEU A 11 6.95 -5.93 -1.49
CA LEU A 11 5.73 -5.52 -2.19
C LEU A 11 4.57 -5.36 -1.23
N VAL A 12 4.50 -6.23 -0.22
CA VAL A 12 3.42 -6.18 0.76
C VAL A 12 3.39 -4.83 1.48
N ILE A 13 4.57 -4.19 1.59
CA ILE A 13 4.67 -2.90 2.25
C ILE A 13 4.54 -1.77 1.24
N ALA A 14 4.98 -2.03 0.02
CA ALA A 14 4.92 -1.04 -1.05
C ALA A 14 3.48 -0.60 -1.31
N VAL A 15 2.59 -1.58 -1.43
CA VAL A 15 1.18 -1.30 -1.69
C VAL A 15 0.47 -0.83 -0.43
N ALA A 16 1.04 -1.12 0.72
CA ALA A 16 0.47 -0.71 2.00
C ALA A 16 0.29 0.80 2.06
N ILE A 17 1.33 1.52 1.64
CA ILE A 17 1.30 2.98 1.65
C ILE A 17 0.66 3.51 0.36
N ALA A 18 0.87 2.81 -0.74
CA ALA A 18 0.32 3.21 -2.03
C ALA A 18 -1.20 3.35 -1.97
N THR A 19 -1.85 2.41 -1.32
CA THR A 19 -3.31 2.43 -1.20
C THR A 19 -3.79 3.64 -0.41
N VAL A 20 -2.91 4.21 0.41
CA VAL A 20 -3.25 5.36 1.23
C VAL A 20 -3.20 6.66 0.41
N ILE A 21 -2.43 6.63 -0.67
CA ILE A 21 -2.29 7.80 -1.54
C ILE A 21 -3.53 8.01 -2.40
N VAL A 22 -3.98 6.94 -3.05
CA VAL A 22 -5.16 7.01 -3.90
C VAL A 22 -6.39 7.48 -3.13
N ILE A 23 -6.42 7.17 -1.83
CA ILE A 23 -7.54 7.56 -0.98
C ILE A 23 -7.54 9.06 -0.71
N SER A 24 -6.36 9.67 -0.82
CA SER A 24 -6.21 11.09 -0.58
C SER A 24 -6.64 11.91 -1.80
N LEU A 25 -6.65 11.28 -2.97
CA LEU A 25 -7.02 11.96 -4.20
C LEU A 25 -8.50 11.76 -4.53
N VAL A 26 -9.01 10.56 -4.27
CA VAL A 26 -10.41 10.26 -4.56
C VAL A 26 -11.35 11.23 -3.86
N MET A 27 -10.87 11.86 -2.79
CA MET A 27 -11.67 12.81 -2.03
C MET A 27 -11.83 14.12 -2.81
N LEU A 28 -10.80 14.47 -3.59
CA LEU A 28 -10.81 15.68 -4.39
C LEU A 28 -11.44 15.41 -5.75
N ARG A 29 -11.71 14.15 -6.03
CA ARG A 29 -12.32 13.76 -7.30
C ARG A 29 -13.82 14.00 -7.29
N LYS A 30 -14.49 13.47 -6.27
CA LYS A 30 -15.93 13.63 -6.13
C LYS A 30 -16.30 15.08 -5.81
N ARG A 31 -16.67 15.83 -6.85
CA ARG A 31 -17.04 17.23 -6.69
C ARG A 31 -18.48 17.46 -7.16
N SER A 1 15.43 -22.07 -3.70
CA SER A 1 16.71 -21.32 -3.56
C SER A 1 16.45 -19.81 -3.44
N LEU A 2 15.23 -19.46 -3.06
CA LEU A 2 14.86 -18.06 -2.91
C LEU A 2 13.92 -17.87 -1.72
N SER A 3 14.48 -17.42 -0.60
CA SER A 3 13.69 -17.19 0.61
C SER A 3 12.99 -15.84 0.56
N SER A 4 11.69 -15.82 0.87
CA SER A 4 10.92 -14.60 0.85
C SER A 4 9.79 -14.66 1.88
N SER A 5 9.99 -15.45 2.93
CA SER A 5 9.00 -15.60 3.99
C SER A 5 8.87 -14.32 4.80
N ALA A 6 10.00 -13.73 5.15
CA ALA A 6 10.02 -12.50 5.94
C ALA A 6 9.63 -11.30 5.09
N LEU A 7 9.81 -11.42 3.78
CA LEU A 7 9.48 -10.34 2.85
C LEU A 7 7.98 -10.12 2.78
N ILE A 8 7.21 -11.13 3.21
CA ILE A 8 5.76 -11.05 3.19
C ILE A 8 5.27 -9.91 4.08
N GLY A 9 5.96 -9.70 5.20
CA GLY A 9 5.57 -8.64 6.11
C GLY A 9 5.84 -7.26 5.56
N LEU A 10 6.84 -7.17 4.67
CA LEU A 10 7.21 -5.90 4.07
C LEU A 10 6.34 -5.62 2.83
N LEU A 11 5.81 -6.69 2.24
CA LEU A 11 4.97 -6.56 1.05
C LEU A 11 3.65 -5.88 1.40
N VAL A 12 3.00 -6.37 2.44
CA VAL A 12 1.71 -5.80 2.87
C VAL A 12 1.84 -4.30 3.13
N ILE A 13 3.03 -3.86 3.49
CA ILE A 13 3.28 -2.45 3.77
C ILE A 13 3.63 -1.70 2.49
N ALA A 14 4.23 -2.41 1.54
CA ALA A 14 4.62 -1.81 0.26
C ALA A 14 3.41 -1.29 -0.48
N VAL A 15 2.33 -2.05 -0.45
CA VAL A 15 1.09 -1.66 -1.12
C VAL A 15 0.24 -0.77 -0.22
N ALA A 16 0.43 -0.91 1.08
CA ALA A 16 -0.32 -0.11 2.05
C ALA A 16 0.01 1.37 1.91
N ILE A 17 1.25 1.66 1.54
CA ILE A 17 1.69 3.04 1.37
C ILE A 17 1.23 3.58 0.02
N ALA A 18 0.91 2.68 -0.89
CA ALA A 18 0.44 3.04 -2.22
C ALA A 18 -1.05 3.33 -2.22
N THR A 19 -1.80 2.53 -1.47
CA THR A 19 -3.25 2.68 -1.39
C THR A 19 -3.64 3.92 -0.60
N VAL A 20 -2.89 4.21 0.45
CA VAL A 20 -3.16 5.38 1.29
C VAL A 20 -3.15 6.67 0.47
N ILE A 21 -2.45 6.63 -0.66
CA ILE A 21 -2.37 7.79 -1.54
C ILE A 21 -3.62 7.92 -2.39
N VAL A 22 -4.04 6.81 -2.98
CA VAL A 22 -5.23 6.79 -3.82
C VAL A 22 -6.44 7.29 -3.05
N ILE A 23 -6.46 7.04 -1.75
CA ILE A 23 -7.56 7.47 -0.89
C ILE A 23 -7.52 8.97 -0.66
N SER A 24 -6.31 9.53 -0.67
CA SER A 24 -6.15 10.97 -0.45
C SER A 24 -6.59 11.75 -1.68
N LEU A 25 -6.63 11.08 -2.83
CA LEU A 25 -7.04 11.72 -4.08
C LEU A 25 -8.55 11.76 -4.20
N VAL A 26 -9.21 10.70 -3.73
CA VAL A 26 -10.66 10.61 -3.79
C VAL A 26 -11.30 11.76 -3.02
N MET A 27 -10.59 12.23 -1.99
CA MET A 27 -11.07 13.33 -1.17
C MET A 27 -11.15 14.62 -1.98
N LEU A 28 -10.41 14.67 -3.08
CA LEU A 28 -10.40 15.83 -3.96
C LEU A 28 -11.33 15.65 -5.15
N ARG A 29 -11.59 14.39 -5.50
CA ARG A 29 -12.46 14.08 -6.63
C ARG A 29 -13.92 13.97 -6.19
N LYS A 30 -14.14 13.82 -4.88
CA LYS A 30 -15.49 13.71 -4.34
C LYS A 30 -16.20 15.06 -4.36
N ARG A 31 -15.53 16.07 -3.80
CA ARG A 31 -16.10 17.41 -3.75
C ARG A 31 -16.02 18.10 -5.11
N SER A 1 0.70 -19.07 -4.08
CA SER A 1 1.01 -18.70 -2.66
C SER A 1 0.91 -19.92 -1.76
N LEU A 2 2.03 -20.63 -1.60
CA LEU A 2 2.08 -21.82 -0.77
C LEU A 2 2.63 -21.48 0.62
N SER A 3 3.89 -21.09 0.67
CA SER A 3 4.53 -20.73 1.94
C SER A 3 4.95 -19.27 1.94
N SER A 4 4.15 -18.43 1.29
CA SER A 4 4.44 -17.00 1.22
C SER A 4 3.76 -16.26 2.37
N SER A 5 3.47 -16.98 3.44
CA SER A 5 2.83 -16.40 4.61
C SER A 5 3.80 -15.52 5.39
N ALA A 6 5.09 -15.76 5.20
CA ALA A 6 6.14 -14.99 5.87
C ALA A 6 6.48 -13.71 5.13
N LEU A 7 6.35 -13.75 3.80
CA LEU A 7 6.66 -12.60 2.97
C LEU A 7 5.46 -11.66 2.84
N ILE A 8 4.26 -12.22 2.88
CA ILE A 8 3.03 -11.43 2.76
C ILE A 8 2.95 -10.39 3.87
N GLY A 9 3.60 -10.66 5.00
CA GLY A 9 3.59 -9.74 6.11
C GLY A 9 4.34 -8.45 5.82
N LEU A 10 5.39 -8.57 5.00
CA LEU A 10 6.20 -7.40 4.64
C LEU A 10 5.61 -6.68 3.42
N LEU A 11 5.07 -7.46 2.49
CA LEU A 11 4.50 -6.90 1.27
C LEU A 11 3.21 -6.14 1.55
N VAL A 12 2.43 -6.61 2.52
CA VAL A 12 1.17 -5.97 2.87
C VAL A 12 1.39 -4.50 3.25
N ILE A 13 2.59 -4.19 3.74
CA ILE A 13 2.91 -2.83 4.13
C ILE A 13 3.36 -2.01 2.92
N ALA A 14 4.06 -2.66 2.00
CA ALA A 14 4.54 -2.00 0.79
C ALA A 14 3.40 -1.39 0.01
N VAL A 15 2.30 -2.14 -0.11
CA VAL A 15 1.13 -1.68 -0.84
C VAL A 15 0.25 -0.80 0.05
N ALA A 16 0.42 -0.93 1.36
CA ALA A 16 -0.36 -0.15 2.32
C ALA A 16 -0.05 1.34 2.17
N ILE A 17 1.18 1.65 1.76
CA ILE A 17 1.61 3.04 1.58
C ILE A 17 1.18 3.54 0.20
N ALA A 18 0.99 2.62 -0.73
CA ALA A 18 0.58 2.97 -2.09
C ALA A 18 -0.92 3.17 -2.18
N THR A 19 -1.66 2.47 -1.32
CA THR A 19 -3.12 2.56 -1.31
C THR A 19 -3.60 3.81 -0.60
N VAL A 20 -2.85 4.23 0.43
CA VAL A 20 -3.22 5.42 1.19
C VAL A 20 -3.17 6.67 0.31
N ILE A 21 -2.40 6.60 -0.77
CA ILE A 21 -2.27 7.72 -1.70
C ILE A 21 -3.53 7.92 -2.52
N VAL A 22 -3.96 6.86 -3.20
CA VAL A 22 -5.16 6.92 -4.04
C VAL A 22 -6.38 7.32 -3.21
N ILE A 23 -6.34 7.02 -1.92
CA ILE A 23 -7.45 7.35 -1.03
C ILE A 23 -7.42 8.83 -0.65
N SER A 24 -6.26 9.45 -0.77
CA SER A 24 -6.10 10.86 -0.45
C SER A 24 -6.59 11.76 -1.57
N LEU A 25 -6.65 11.20 -2.79
CA LEU A 25 -7.10 11.96 -3.96
C LEU A 25 -8.60 11.82 -4.16
N VAL A 26 -9.13 10.62 -3.94
CA VAL A 26 -10.55 10.37 -4.11
C VAL A 26 -11.39 11.31 -3.25
N MET A 27 -10.78 11.84 -2.18
CA MET A 27 -11.46 12.76 -1.29
C MET A 27 -11.81 14.06 -2.01
N LEU A 28 -10.92 14.47 -2.90
CA LEU A 28 -11.13 15.70 -3.67
C LEU A 28 -11.91 15.42 -4.93
N ARG A 29 -11.97 14.15 -5.33
CA ARG A 29 -12.69 13.75 -6.53
C ARG A 29 -14.17 13.56 -6.23
N LYS A 30 -14.49 13.25 -4.98
CA LYS A 30 -15.86 13.04 -4.56
C LYS A 30 -16.25 13.99 -3.44
N ARG A 31 -17.51 13.92 -3.03
CA ARG A 31 -18.02 14.78 -1.96
C ARG A 31 -17.33 14.46 -0.63
N SER A 1 -3.42 -21.82 5.84
CA SER A 1 -2.85 -20.45 5.92
C SER A 1 -2.42 -20.13 7.35
N LEU A 2 -1.26 -20.64 7.73
CA LEU A 2 -0.73 -20.41 9.07
C LEU A 2 0.79 -20.60 9.12
N SER A 3 1.39 -20.75 7.94
CA SER A 3 2.84 -20.94 7.84
C SER A 3 3.50 -19.73 7.19
N SER A 4 2.98 -19.32 6.04
CA SER A 4 3.53 -18.18 5.31
C SER A 4 2.90 -16.88 5.80
N SER A 5 2.52 -16.85 7.07
CA SER A 5 1.90 -15.66 7.66
C SER A 5 2.93 -14.58 7.95
N ALA A 6 4.20 -14.99 8.06
CA ALA A 6 5.28 -14.06 8.34
C ALA A 6 5.48 -13.09 7.18
N LEU A 7 5.24 -13.56 5.96
CA LEU A 7 5.40 -12.72 4.77
C LEU A 7 4.21 -11.80 4.60
N ILE A 8 3.03 -12.25 5.02
CA ILE A 8 1.82 -11.45 4.91
C ILE A 8 1.91 -10.19 5.75
N GLY A 9 2.71 -10.25 6.80
CA GLY A 9 2.88 -9.09 7.67
C GLY A 9 3.58 -7.94 6.98
N LEU A 10 4.55 -8.27 6.13
CA LEU A 10 5.31 -7.26 5.38
C LEU A 10 4.58 -6.87 4.10
N LEU A 11 3.88 -7.84 3.51
CA LEU A 11 3.15 -7.61 2.27
C LEU A 11 2.02 -6.60 2.48
N VAL A 12 1.26 -6.77 3.56
CA VAL A 12 0.15 -5.89 3.88
C VAL A 12 0.61 -4.44 4.00
N ILE A 13 1.87 -4.25 4.42
CA ILE A 13 2.43 -2.93 4.58
C ILE A 13 2.83 -2.33 3.23
N ALA A 14 3.20 -3.20 2.29
CA ALA A 14 3.60 -2.76 0.95
C ALA A 14 2.47 -2.04 0.24
N VAL A 15 1.26 -2.59 0.34
CA VAL A 15 0.09 -2.00 -0.30
C VAL A 15 -0.54 -0.92 0.57
N ALA A 16 -0.29 -0.99 1.88
CA ALA A 16 -0.84 -0.02 2.81
C ALA A 16 -0.34 1.40 2.48
N ILE A 17 0.89 1.48 2.00
CA ILE A 17 1.48 2.77 1.65
C ILE A 17 1.10 3.18 0.22
N ALA A 18 0.77 2.20 -0.60
CA ALA A 18 0.40 2.45 -1.99
C ALA A 18 -1.06 2.87 -2.11
N THR A 19 -1.88 2.47 -1.15
CA THR A 19 -3.30 2.79 -1.16
C THR A 19 -3.55 4.19 -0.60
N VAL A 20 -2.78 4.58 0.41
CA VAL A 20 -2.93 5.89 1.04
C VAL A 20 -2.72 7.01 0.02
N ILE A 21 -2.00 6.70 -1.04
CA ILE A 21 -1.71 7.69 -2.08
C ILE A 21 -2.93 7.95 -2.97
N VAL A 22 -3.40 6.89 -3.64
CA VAL A 22 -4.54 6.99 -4.53
C VAL A 22 -5.82 7.41 -3.80
N ILE A 23 -5.95 6.96 -2.55
CA ILE A 23 -7.12 7.28 -1.74
C ILE A 23 -7.04 8.70 -1.18
N SER A 24 -5.84 9.25 -1.16
CA SER A 24 -5.62 10.60 -0.63
C SER A 24 -6.49 11.62 -1.36
N LEU A 25 -6.90 11.29 -2.58
CA LEU A 25 -7.73 12.19 -3.38
C LEU A 25 -9.20 11.80 -3.30
N VAL A 26 -9.46 10.50 -3.14
CA VAL A 26 -10.84 10.01 -3.06
C VAL A 26 -11.58 10.65 -1.90
N MET A 27 -10.84 11.11 -0.90
CA MET A 27 -11.44 11.75 0.26
C MET A 27 -12.03 13.11 -0.10
N LEU A 28 -11.37 13.82 -1.00
CA LEU A 28 -11.84 15.13 -1.45
C LEU A 28 -12.98 15.00 -2.45
N ARG A 29 -13.27 13.77 -2.85
CA ARG A 29 -14.34 13.51 -3.81
C ARG A 29 -15.46 12.70 -3.16
N LYS A 30 -15.31 12.44 -1.87
CA LYS A 30 -16.31 11.67 -1.12
C LYS A 30 -16.71 12.41 0.17
N ARG A 31 -17.99 12.73 0.27
CA ARG A 31 -18.51 13.43 1.44
C ARG A 31 -18.40 12.55 2.69
N SER A 1 22.24 3.19 -4.15
CA SER A 1 21.99 1.90 -3.45
C SER A 1 22.92 1.73 -2.26
N LEU A 2 22.38 1.19 -1.17
CA LEU A 2 23.17 0.98 0.05
C LEU A 2 23.09 -0.48 0.48
N SER A 3 21.87 -0.99 0.61
CA SER A 3 21.66 -2.38 1.03
C SER A 3 20.56 -3.04 0.19
N SER A 4 20.41 -4.36 0.35
CA SER A 4 19.40 -5.11 -0.39
C SER A 4 18.42 -5.78 0.56
N SER A 5 18.84 -5.94 1.82
CA SER A 5 18.00 -6.57 2.83
C SER A 5 16.96 -5.59 3.37
N ALA A 6 17.24 -4.30 3.21
CA ALA A 6 16.32 -3.26 3.69
C ALA A 6 15.09 -3.15 2.79
N LEU A 7 15.27 -3.48 1.52
CA LEU A 7 14.16 -3.42 0.56
C LEU A 7 13.07 -4.42 0.92
N ILE A 8 13.43 -5.42 1.72
CA ILE A 8 12.47 -6.44 2.14
C ILE A 8 11.30 -5.81 2.90
N GLY A 9 11.62 -5.05 3.94
CA GLY A 9 10.59 -4.40 4.72
C GLY A 9 9.99 -3.21 4.01
N LEU A 10 10.78 -2.55 3.18
CA LEU A 10 10.33 -1.38 2.44
C LEU A 10 9.36 -1.80 1.33
N LEU A 11 9.43 -3.07 0.92
CA LEU A 11 8.56 -3.58 -0.12
C LEU A 11 7.13 -3.72 0.38
N VAL A 12 6.98 -3.93 1.68
CA VAL A 12 5.65 -4.08 2.29
C VAL A 12 5.00 -2.72 2.52
N ILE A 13 5.74 -1.82 3.17
CA ILE A 13 5.24 -0.48 3.45
C ILE A 13 4.96 0.27 2.16
N ALA A 14 5.67 -0.10 1.10
CA ALA A 14 5.50 0.53 -0.21
C ALA A 14 4.05 0.45 -0.67
N VAL A 15 3.50 -0.75 -0.61
CA VAL A 15 2.12 -0.98 -1.04
C VAL A 15 1.15 -0.53 0.05
N ALA A 16 1.57 -0.61 1.30
CA ALA A 16 0.73 -0.19 2.42
C ALA A 16 0.33 1.26 2.26
N ILE A 17 1.23 2.06 1.72
CA ILE A 17 0.97 3.48 1.48
C ILE A 17 0.30 3.70 0.13
N ALA A 18 0.72 2.91 -0.86
CA ALA A 18 0.18 3.02 -2.21
C ALA A 18 -1.34 2.97 -2.22
N THR A 19 -1.93 2.38 -1.19
CA THR A 19 -3.38 2.26 -1.10
C THR A 19 -4.02 3.52 -0.51
N VAL A 20 -3.28 4.21 0.37
CA VAL A 20 -3.79 5.42 1.01
C VAL A 20 -3.66 6.63 0.07
N ILE A 21 -2.71 6.55 -0.87
CA ILE A 21 -2.49 7.63 -1.82
C ILE A 21 -3.70 7.82 -2.72
N VAL A 22 -4.08 6.76 -3.43
CA VAL A 22 -5.22 6.80 -4.33
C VAL A 22 -6.47 7.28 -3.61
N ILE A 23 -6.53 7.04 -2.30
CA ILE A 23 -7.67 7.45 -1.49
C ILE A 23 -7.52 8.90 -1.05
N SER A 24 -6.28 9.34 -0.85
CA SER A 24 -6.00 10.70 -0.42
C SER A 24 -6.30 11.69 -1.55
N LEU A 25 -6.30 11.19 -2.78
CA LEU A 25 -6.58 12.04 -3.94
C LEU A 25 -8.08 12.28 -4.10
N VAL A 26 -8.87 11.24 -3.81
CA VAL A 26 -10.32 11.35 -3.92
C VAL A 26 -10.84 12.45 -3.00
N MET A 27 -10.05 12.77 -1.99
CA MET A 27 -10.41 13.81 -1.03
C MET A 27 -10.18 15.20 -1.62
N LEU A 28 -9.23 15.29 -2.55
CA LEU A 28 -8.91 16.56 -3.19
C LEU A 28 -9.67 16.71 -4.51
N ARG A 29 -10.23 15.61 -5.01
CA ARG A 29 -10.98 15.64 -6.27
C ARG A 29 -12.41 16.12 -6.04
N LYS A 30 -12.66 16.67 -4.85
CA LYS A 30 -13.99 17.18 -4.53
C LYS A 30 -14.22 18.56 -5.15
N ARG A 31 -15.45 18.80 -5.58
CA ARG A 31 -15.80 20.08 -6.19
C ARG A 31 -16.02 21.15 -5.13
N SER A 1 15.52 -15.05 -9.05
CA SER A 1 15.22 -13.63 -8.71
C SER A 1 15.01 -13.46 -7.21
N LEU A 2 16.11 -13.55 -6.46
CA LEU A 2 16.06 -13.39 -5.00
C LEU A 2 15.08 -14.39 -4.39
N SER A 3 15.55 -15.61 -4.18
CA SER A 3 14.71 -16.66 -3.60
C SER A 3 14.50 -16.42 -2.11
N SER A 4 13.51 -15.59 -1.79
CA SER A 4 13.19 -15.28 -0.39
C SER A 4 11.69 -15.15 -0.19
N SER A 5 11.13 -16.02 0.65
CA SER A 5 9.70 -15.99 0.93
C SER A 5 9.36 -14.86 1.88
N ALA A 6 10.35 -14.39 2.62
CA ALA A 6 10.17 -13.31 3.58
C ALA A 6 9.66 -12.03 2.89
N LEU A 7 9.78 -11.99 1.57
CA LEU A 7 9.34 -10.83 0.80
C LEU A 7 7.84 -10.59 0.98
N ILE A 8 7.13 -11.62 1.42
CA ILE A 8 5.69 -11.53 1.63
C ILE A 8 5.36 -10.46 2.68
N GLY A 9 6.28 -10.24 3.60
CA GLY A 9 6.07 -9.27 4.65
C GLY A 9 6.34 -7.85 4.18
N LEU A 10 7.15 -7.72 3.13
CA LEU A 10 7.49 -6.41 2.59
C LEU A 10 6.44 -5.93 1.59
N LEU A 11 5.74 -6.88 0.97
CA LEU A 11 4.71 -6.54 -0.01
C LEU A 11 3.46 -5.98 0.67
N VAL A 12 3.04 -6.64 1.75
CA VAL A 12 1.84 -6.22 2.47
C VAL A 12 1.97 -4.78 2.96
N ILE A 13 3.19 -4.33 3.20
CA ILE A 13 3.43 -2.97 3.68
C ILE A 13 3.74 -2.02 2.52
N ALA A 14 4.43 -2.53 1.51
CA ALA A 14 4.78 -1.72 0.35
C ALA A 14 3.54 -1.14 -0.32
N VAL A 15 2.52 -1.98 -0.48
CA VAL A 15 1.27 -1.56 -1.10
C VAL A 15 0.38 -0.82 -0.12
N ALA A 16 0.59 -1.08 1.18
CA ALA A 16 -0.19 -0.42 2.22
C ALA A 16 -0.02 1.10 2.16
N ILE A 17 1.18 1.52 1.78
CA ILE A 17 1.50 2.94 1.67
C ILE A 17 1.09 3.50 0.31
N ALA A 18 0.97 2.61 -0.66
CA ALA A 18 0.58 3.02 -2.01
C ALA A 18 -0.93 3.12 -2.15
N THR A 19 -1.65 2.41 -1.28
CA THR A 19 -3.11 2.42 -1.32
C THR A 19 -3.68 3.60 -0.57
N VAL A 20 -2.90 4.16 0.36
CA VAL A 20 -3.34 5.30 1.14
C VAL A 20 -3.28 6.59 0.33
N ILE A 21 -2.45 6.60 -0.70
CA ILE A 21 -2.28 7.76 -1.56
C ILE A 21 -3.51 7.97 -2.44
N VAL A 22 -3.88 6.94 -3.18
CA VAL A 22 -5.04 7.01 -4.08
C VAL A 22 -6.28 7.49 -3.33
N ILE A 23 -6.35 7.20 -2.04
CA ILE A 23 -7.48 7.59 -1.22
C ILE A 23 -7.50 9.10 -0.99
N SER A 24 -6.32 9.67 -0.80
CA SER A 24 -6.18 11.10 -0.56
C SER A 24 -6.74 11.91 -1.74
N LEU A 25 -6.82 11.27 -2.91
CA LEU A 25 -7.34 11.93 -4.10
C LEU A 25 -8.85 11.82 -4.18
N VAL A 26 -9.39 10.70 -3.70
CA VAL A 26 -10.83 10.48 -3.70
C VAL A 26 -11.56 11.61 -2.99
N MET A 27 -10.86 12.22 -2.03
CA MET A 27 -11.43 13.33 -1.26
C MET A 27 -11.56 14.58 -2.13
N LEU A 28 -10.64 14.75 -3.05
CA LEU A 28 -10.65 15.90 -3.96
C LEU A 28 -11.35 15.54 -5.26
N ARG A 29 -11.80 14.29 -5.36
CA ARG A 29 -12.49 13.82 -6.57
C ARG A 29 -13.86 14.47 -6.69
N LYS A 30 -14.26 15.21 -5.65
CA LYS A 30 -15.55 15.89 -5.64
C LYS A 30 -15.70 16.79 -6.87
N ARG A 31 -16.93 16.95 -7.33
CA ARG A 31 -17.22 17.77 -8.50
C ARG A 31 -18.53 18.52 -8.33
#